data_8POQ
#
_entry.id   8POQ
#
_cell.length_a   53.640
_cell.length_b   53.640
_cell.length_c   267.330
_cell.angle_alpha   90.00
_cell.angle_beta   90.00
_cell.angle_gamma   90.00
#
_symmetry.space_group_name_H-M   'P 43'
#
loop_
_entity.id
_entity.type
_entity.pdbx_description
1 polymer 'Leucine--tRNA ligase'
2 water water
#
_entity_poly.entity_id   1
_entity_poly.type   'polypeptide(L)'
_entity_poly.pdbx_seq_one_letter_code
;GAMGKSEGVTIEFKIVGLNKKLKVFTTCPHTLFGASFCAVAIEHPIVQDLMSKEIQDLISSIKIQGKNNEKVGIYTGLNV
KHPFLDKELPLYVANFVLMEYREGAIFGCPAHDQRDFEFAQEYDLPIIPVISSARLGIEEYTNNSIMFNSEFLNGLTVSE
ARKVIVEKLEEKGIGKKTI
;
_entity_poly.pdbx_strand_id   A,B,C,D
#
# COMPACT_ATOMS: atom_id res chain seq x y z
N SER A 6 28.97 -2.85 -15.75
CA SER A 6 28.70 -1.66 -16.55
C SER A 6 27.43 -0.95 -16.07
N GLU A 7 26.76 -0.28 -17.00
CA GLU A 7 25.54 0.46 -16.67
C GLU A 7 24.46 -0.48 -16.17
N GLY A 8 23.82 -0.11 -15.07
CA GLY A 8 22.82 -0.93 -14.43
C GLY A 8 21.79 -0.08 -13.70
N VAL A 9 21.23 -0.65 -12.64
CA VAL A 9 20.18 0.02 -11.87
C VAL A 9 20.20 -0.52 -10.45
N THR A 10 19.95 0.36 -9.49
CA THR A 10 19.88 -0.01 -8.07
C THR A 10 18.41 -0.06 -7.64
N ILE A 11 18.02 -1.18 -7.04
CA ILE A 11 16.65 -1.42 -6.61
C ILE A 11 16.61 -1.49 -5.09
N GLU A 12 15.60 -0.86 -4.49
CA GLU A 12 15.45 -0.80 -3.04
C GLU A 12 14.44 -1.87 -2.62
N PHE A 13 14.93 -2.90 -1.94
CA PHE A 13 14.08 -3.99 -1.44
C PHE A 13 13.70 -3.73 0.01
N LYS A 14 12.42 -3.89 0.33
CA LYS A 14 11.96 -3.80 1.70
C LYS A 14 12.23 -5.12 2.42
N ILE A 15 12.89 -5.04 3.58
CA ILE A 15 13.18 -6.22 4.40
C ILE A 15 12.13 -6.33 5.48
N VAL A 16 11.52 -7.52 5.60
CA VAL A 16 10.48 -7.73 6.60
C VAL A 16 11.04 -7.75 8.01
N GLY A 17 12.34 -8.04 8.17
CA GLY A 17 12.93 -8.18 9.48
C GLY A 17 13.32 -6.89 10.18
N LEU A 18 14.04 -6.01 9.49
CA LEU A 18 14.65 -4.84 10.10
C LEU A 18 14.15 -3.56 9.41
N ASN A 19 14.50 -2.42 10.03
CA ASN A 19 14.11 -1.12 9.52
C ASN A 19 14.94 -0.69 8.32
N LYS A 20 16.17 -1.18 8.21
CA LYS A 20 17.02 -0.86 7.07
C LYS A 20 16.54 -1.63 5.84
N LYS A 21 16.46 -0.94 4.70
CA LYS A 21 16.06 -1.55 3.45
C LYS A 21 17.30 -1.91 2.63
N LEU A 22 17.25 -3.07 1.98
CA LEU A 22 18.37 -3.57 1.21
C LEU A 22 18.32 -3.01 -0.21
N LYS A 23 19.47 -2.53 -0.68
CA LYS A 23 19.60 -1.91 -2.00
C LYS A 23 20.53 -2.77 -2.83
N VAL A 24 19.99 -3.44 -3.84
CA VAL A 24 20.77 -4.31 -4.71
C VAL A 24 21.01 -3.61 -6.05
N PHE A 25 22.10 -3.99 -6.71
CA PHE A 25 22.44 -3.50 -8.04
C PHE A 25 22.32 -4.65 -9.03
N THR A 26 21.78 -4.36 -10.21
CA THR A 26 21.58 -5.40 -11.21
C THR A 26 21.75 -4.82 -12.60
N THR A 27 22.29 -5.64 -13.50
CA THR A 27 22.36 -5.30 -14.92
C THR A 27 21.16 -5.81 -15.70
N CYS A 28 20.33 -6.67 -15.11
CA CYS A 28 19.17 -7.27 -15.77
C CYS A 28 17.95 -7.07 -14.88
N PRO A 29 17.39 -5.86 -14.87
CA PRO A 29 16.18 -5.64 -14.05
C PRO A 29 14.94 -6.29 -14.63
N HIS A 30 14.92 -6.58 -15.94
CA HIS A 30 13.76 -7.23 -16.54
C HIS A 30 13.52 -8.63 -15.97
N THR A 31 14.56 -9.27 -15.45
CA THR A 31 14.45 -10.59 -14.84
C THR A 31 14.00 -10.53 -13.38
N LEU A 32 13.51 -9.38 -12.92
CA LEU A 32 13.12 -9.24 -11.52
C LEU A 32 11.97 -10.18 -11.16
N PHE A 33 11.06 -10.44 -12.11
CA PHE A 33 9.93 -11.31 -11.82
C PHE A 33 10.35 -12.77 -11.73
N GLY A 34 11.51 -13.14 -12.26
CA GLY A 34 12.01 -14.49 -12.13
C GLY A 34 12.97 -14.64 -10.97
N ALA A 35 12.95 -13.67 -10.05
CA ALA A 35 13.85 -13.71 -8.91
C ALA A 35 13.40 -14.76 -7.91
N SER A 36 14.35 -15.58 -7.46
CA SER A 36 14.07 -16.61 -6.47
C SER A 36 14.52 -16.25 -5.07
N PHE A 37 15.49 -15.35 -4.93
CA PHE A 37 16.04 -15.02 -3.63
C PHE A 37 16.83 -13.72 -3.73
N CYS A 38 17.29 -13.25 -2.57
CA CYS A 38 18.26 -12.19 -2.47
C CYS A 38 19.46 -12.68 -1.67
N ALA A 39 20.60 -12.04 -1.87
CA ALA A 39 21.82 -12.46 -1.21
C ALA A 39 22.77 -11.28 -1.07
N VAL A 40 23.55 -11.29 0.00
CA VAL A 40 24.50 -10.23 0.31
C VAL A 40 25.85 -10.85 0.66
N ALA A 41 26.89 -10.02 0.60
CA ALA A 41 28.23 -10.45 0.97
C ALA A 41 28.37 -10.47 2.50
N ILE A 42 29.49 -11.02 2.95
CA ILE A 42 29.73 -11.15 4.39
C ILE A 42 30.00 -9.79 5.01
N GLU A 43 30.66 -8.88 4.28
CA GLU A 43 31.03 -7.58 4.79
C GLU A 43 29.97 -6.52 4.55
N HIS A 44 28.72 -6.93 4.32
CA HIS A 44 27.66 -5.96 4.06
C HIS A 44 27.21 -5.32 5.38
N PRO A 45 26.87 -4.03 5.36
CA PRO A 45 26.38 -3.38 6.59
C PRO A 45 25.26 -4.13 7.29
N ILE A 46 24.32 -4.70 6.52
CA ILE A 46 23.18 -5.40 7.12
C ILE A 46 23.64 -6.58 7.97
N VAL A 47 24.76 -7.21 7.60
CA VAL A 47 25.23 -8.38 8.33
C VAL A 47 25.65 -8.02 9.74
N GLN A 48 26.54 -7.03 9.87
CA GLN A 48 27.06 -6.65 11.18
C GLN A 48 26.11 -5.78 11.99
N ASP A 49 25.10 -5.19 11.36
CA ASP A 49 24.27 -4.22 12.06
C ASP A 49 23.28 -4.89 13.02
N LEU A 50 22.48 -5.83 12.52
CA LEU A 50 21.41 -6.42 13.32
C LEU A 50 21.40 -7.93 13.18
N MET A 51 22.57 -8.55 13.06
CA MET A 51 22.67 -10.00 13.05
C MET A 51 23.88 -10.47 13.85
N GLN A 56 25.70 -15.29 13.61
CA GLN A 56 27.05 -14.87 13.25
C GLN A 56 28.04 -16.02 13.42
N ASP A 57 27.69 -16.97 14.29
CA ASP A 57 28.55 -18.15 14.47
C ASP A 57 28.71 -18.93 13.19
N LEU A 58 27.62 -19.12 12.44
CA LEU A 58 27.71 -19.83 11.17
C LEU A 58 28.39 -18.99 10.10
N ILE A 59 28.22 -17.67 10.14
CA ILE A 59 28.77 -16.81 9.11
C ILE A 59 30.28 -16.64 9.29
N SER A 60 30.71 -16.28 10.50
CA SER A 60 32.11 -15.93 10.72
C SER A 60 33.02 -17.16 10.58
N SER A 61 32.70 -18.25 11.28
CA SER A 61 33.58 -19.41 11.28
C SER A 61 33.46 -20.18 9.97
N ILE A 62 32.27 -20.69 9.67
CA ILE A 62 32.07 -21.52 8.49
C ILE A 62 31.92 -20.65 7.25
N VAL A 72 28.62 -21.64 -1.27
CA VAL A 72 27.55 -21.95 -0.33
C VAL A 72 27.12 -20.69 0.42
N GLY A 73 25.91 -20.72 0.97
CA GLY A 73 25.38 -19.59 1.71
C GLY A 73 24.55 -20.04 2.89
N ILE A 74 24.14 -19.07 3.70
CA ILE A 74 23.37 -19.32 4.91
C ILE A 74 22.12 -18.44 4.87
N TYR A 75 20.99 -19.02 5.26
CA TYR A 75 19.73 -18.29 5.31
C TYR A 75 19.68 -17.43 6.56
N THR A 76 19.35 -16.15 6.39
CA THR A 76 19.37 -15.20 7.50
C THR A 76 18.24 -15.44 8.48
N GLY A 77 17.15 -16.06 8.05
CA GLY A 77 15.94 -16.15 8.85
C GLY A 77 14.89 -15.13 8.49
N LEU A 78 15.23 -14.15 7.66
CA LEU A 78 14.33 -13.10 7.25
C LEU A 78 14.14 -13.15 5.73
N ASN A 79 13.02 -12.59 5.29
CA ASN A 79 12.70 -12.49 3.87
C ASN A 79 12.72 -11.03 3.43
N VAL A 80 12.55 -10.83 2.13
CA VAL A 80 12.43 -9.50 1.55
C VAL A 80 11.18 -9.45 0.68
N LYS A 81 10.47 -8.33 0.75
CA LYS A 81 9.24 -8.17 -0.01
C LYS A 81 9.54 -7.89 -1.47
N HIS A 82 8.98 -8.69 -2.37
CA HIS A 82 9.17 -8.45 -3.79
C HIS A 82 8.44 -7.16 -4.18
N PRO A 83 9.08 -6.26 -4.90
CA PRO A 83 8.47 -4.94 -5.12
C PRO A 83 7.20 -4.99 -5.96
N PHE A 84 7.04 -5.97 -6.84
CA PHE A 84 5.90 -5.99 -7.77
C PHE A 84 5.01 -7.21 -7.58
N LEU A 85 5.26 -8.05 -6.58
CA LEU A 85 4.44 -9.24 -6.37
C LEU A 85 4.14 -9.42 -4.89
N ASP A 86 2.97 -10.01 -4.62
CA ASP A 86 2.62 -10.43 -3.26
C ASP A 86 3.39 -11.70 -2.96
N LYS A 87 4.68 -11.53 -2.67
CA LYS A 87 5.61 -12.65 -2.61
C LYS A 87 6.87 -12.20 -1.87
N GLU A 88 7.36 -13.06 -0.99
CA GLU A 88 8.58 -12.79 -0.24
C GLU A 88 9.70 -13.68 -0.74
N LEU A 89 10.93 -13.16 -0.67
CA LEU A 89 12.11 -13.88 -1.12
C LEU A 89 13.08 -14.07 0.04
N PRO A 90 13.65 -15.27 0.19
CA PRO A 90 14.58 -15.50 1.30
C PRO A 90 15.88 -14.73 1.10
N LEU A 91 16.36 -14.13 2.19
CA LEU A 91 17.62 -13.39 2.18
C LEU A 91 18.76 -14.30 2.64
N TYR A 92 19.85 -14.30 1.88
CA TYR A 92 20.97 -15.19 2.12
C TYR A 92 22.26 -14.41 2.31
N VAL A 93 23.26 -15.07 2.88
CA VAL A 93 24.62 -14.55 3.02
C VAL A 93 25.55 -15.64 2.51
N ALA A 94 26.20 -15.38 1.37
CA ALA A 94 27.02 -16.38 0.70
C ALA A 94 28.46 -15.92 0.58
N ASN A 95 29.36 -16.90 0.50
CA ASN A 95 30.78 -16.61 0.32
C ASN A 95 31.11 -16.31 -1.13
N PHE A 96 30.32 -16.85 -2.06
CA PHE A 96 30.55 -16.60 -3.49
C PHE A 96 30.26 -15.15 -3.86
N VAL A 97 29.37 -14.49 -3.12
CA VAL A 97 28.97 -13.14 -3.47
C VAL A 97 30.16 -12.19 -3.38
N LEU A 98 30.30 -11.34 -4.38
CA LEU A 98 31.38 -10.38 -4.47
C LEU A 98 30.97 -9.02 -3.90
N MET A 99 31.78 -8.52 -2.96
CA MET A 99 31.48 -7.25 -2.31
C MET A 99 32.03 -6.06 -3.12
N GLU A 100 33.16 -6.26 -3.79
CA GLU A 100 33.86 -5.16 -4.45
C GLU A 100 33.02 -4.50 -5.53
N TYR A 101 32.31 -5.28 -6.33
CA TYR A 101 31.55 -4.73 -7.46
C TYR A 101 30.32 -4.06 -6.88
N ARG A 102 30.32 -2.74 -6.90
CA ARG A 102 29.19 -1.89 -6.52
C ARG A 102 28.73 -2.20 -5.09
N GLU A 103 27.45 -2.50 -4.85
CA GLU A 103 26.95 -2.61 -3.49
C GLU A 103 27.28 -3.95 -2.86
N GLY A 104 27.47 -5.00 -3.65
CA GLY A 104 27.65 -6.32 -3.11
C GLY A 104 26.38 -7.02 -2.69
N ALA A 105 25.25 -6.62 -3.26
CA ALA A 105 23.96 -7.24 -2.98
C ALA A 105 23.23 -7.42 -4.30
N ILE A 106 22.62 -8.60 -4.48
CA ILE A 106 21.98 -9.01 -5.74
C ILE A 106 20.76 -9.86 -5.45
N PHE A 107 19.93 -10.05 -6.47
CA PHE A 107 18.85 -11.02 -6.46
C PHE A 107 19.17 -12.12 -7.47
N GLY A 108 18.80 -13.35 -7.13
CA GLY A 108 19.17 -14.51 -7.92
C GLY A 108 18.06 -14.89 -8.89
N CYS A 109 18.45 -15.13 -10.14
CA CYS A 109 17.55 -15.58 -11.20
C CYS A 109 18.06 -16.94 -11.68
N PRO A 110 17.66 -18.03 -11.01
CA PRO A 110 18.19 -19.37 -11.36
C PRO A 110 18.05 -19.74 -12.82
N ALA A 111 16.91 -19.41 -13.45
CA ALA A 111 16.62 -19.93 -14.78
C ALA A 111 17.52 -19.35 -15.87
N HIS A 112 18.18 -18.22 -15.62
CA HIS A 112 18.99 -17.58 -16.66
C HIS A 112 20.35 -17.15 -16.11
N ASP A 113 20.89 -17.90 -15.16
CA ASP A 113 22.22 -17.62 -14.62
C ASP A 113 22.73 -18.87 -13.94
N GLN A 114 23.90 -19.35 -14.37
CA GLN A 114 24.44 -20.57 -13.78
C GLN A 114 24.95 -20.33 -12.36
N ARG A 115 25.38 -19.10 -12.06
CA ARG A 115 25.76 -18.78 -10.68
C ARG A 115 24.57 -18.92 -9.74
N ASP A 116 23.43 -18.36 -10.14
CA ASP A 116 22.25 -18.38 -9.29
C ASP A 116 21.58 -19.75 -9.28
N PHE A 117 21.70 -20.51 -10.37
CA PHE A 117 21.07 -21.83 -10.42
C PHE A 117 21.72 -22.79 -9.42
N GLU A 118 23.05 -22.93 -9.49
CA GLU A 118 23.76 -23.82 -8.58
C GLU A 118 23.45 -23.48 -7.13
N PHE A 119 23.24 -22.20 -6.84
CA PHE A 119 22.75 -21.79 -5.52
C PHE A 119 21.36 -22.38 -5.27
N ALA A 120 20.41 -22.11 -6.17
CA ALA A 120 19.05 -22.59 -5.99
C ALA A 120 18.98 -24.11 -5.99
N GLN A 121 19.85 -24.78 -6.76
CA GLN A 121 19.84 -26.24 -6.79
C GLN A 121 20.22 -26.81 -5.43
N GLU A 122 21.25 -26.25 -4.79
CA GLU A 122 21.71 -26.77 -3.52
C GLU A 122 20.69 -26.54 -2.41
N TYR A 123 20.14 -25.32 -2.34
CA TYR A 123 19.25 -24.93 -1.25
C TYR A 123 17.77 -25.01 -1.63
N ASP A 124 17.45 -25.74 -2.71
CA ASP A 124 16.07 -26.07 -3.06
C ASP A 124 15.22 -24.82 -3.27
N LEU A 125 15.80 -23.80 -3.90
CA LEU A 125 15.01 -22.62 -4.18
C LEU A 125 14.34 -22.73 -5.55
N PRO A 126 13.14 -22.17 -5.71
CA PRO A 126 12.37 -22.40 -6.93
C PRO A 126 12.99 -21.71 -8.14
N ILE A 127 12.75 -22.31 -9.31
CA ILE A 127 13.26 -21.82 -10.58
C ILE A 127 12.11 -21.25 -11.39
N ILE A 128 12.21 -19.98 -11.77
CA ILE A 128 11.14 -19.30 -12.50
C ILE A 128 11.71 -18.72 -13.79
N PRO A 129 11.44 -19.34 -14.95
CA PRO A 129 11.88 -18.75 -16.22
C PRO A 129 10.98 -17.61 -16.65
N VAL A 130 11.60 -16.57 -17.22
CA VAL A 130 10.86 -15.37 -17.61
C VAL A 130 11.28 -14.87 -18.99
N ILE A 131 12.19 -15.57 -19.66
CA ILE A 131 12.72 -15.14 -20.95
C ILE A 131 12.48 -16.27 -21.95
N SER A 132 11.48 -16.11 -22.80
CA SER A 132 11.19 -17.06 -23.87
C SER A 132 12.10 -16.76 -25.05
N SER A 133 13.13 -17.57 -25.23
CA SER A 133 14.11 -17.31 -26.27
C SER A 133 13.54 -17.65 -27.65
N ALA A 134 13.94 -16.86 -28.65
CA ALA A 134 13.52 -17.06 -30.02
C ALA A 134 14.62 -17.73 -30.83
N ARG A 135 14.26 -18.16 -32.04
CA ARG A 135 15.20 -18.82 -32.93
C ARG A 135 16.44 -17.94 -33.16
N LEU A 136 17.60 -18.59 -33.21
CA LEU A 136 18.87 -17.86 -33.10
C LEU A 136 19.09 -16.91 -34.28
N GLY A 137 18.69 -17.32 -35.48
CA GLY A 137 18.93 -16.49 -36.65
C GLY A 137 18.20 -15.16 -36.60
N ILE A 138 17.04 -15.12 -35.94
CA ILE A 138 16.26 -13.91 -35.82
C ILE A 138 16.36 -13.29 -34.42
N GLU A 139 16.84 -14.03 -33.42
CA GLU A 139 16.84 -13.64 -32.02
C GLU A 139 17.51 -12.30 -31.76
N GLU A 140 18.82 -12.21 -31.99
CA GLU A 140 19.55 -11.02 -31.55
C GLU A 140 19.47 -9.86 -32.52
N TYR A 141 19.13 -10.10 -33.79
CA TYR A 141 19.13 -9.02 -34.77
C TYR A 141 18.16 -7.92 -34.39
N THR A 142 16.88 -8.27 -34.25
CA THR A 142 15.86 -7.30 -33.85
C THR A 142 14.86 -7.95 -32.90
N ASN A 143 14.36 -9.12 -33.28
CA ASN A 143 13.30 -9.80 -32.53
C ASN A 143 13.92 -10.41 -31.27
N ASN A 144 14.20 -9.55 -30.30
CA ASN A 144 14.74 -10.01 -29.03
C ASN A 144 13.74 -10.93 -28.33
N SER A 145 14.26 -11.75 -27.42
CA SER A 145 13.45 -12.77 -26.76
C SER A 145 12.28 -12.13 -26.01
N ILE A 146 11.19 -12.88 -25.93
CA ILE A 146 9.92 -12.38 -25.38
C ILE A 146 9.87 -12.68 -23.89
N MET A 147 9.61 -11.64 -23.10
CA MET A 147 9.43 -11.81 -21.67
C MET A 147 8.09 -12.47 -21.37
N PHE A 148 8.06 -13.23 -20.28
CA PHE A 148 6.83 -13.84 -19.79
C PHE A 148 6.98 -14.07 -18.29
N ASN A 149 5.88 -14.52 -17.67
CA ASN A 149 5.82 -14.67 -16.22
C ASN A 149 6.25 -13.40 -15.50
N SER A 150 6.02 -12.24 -16.13
CA SER A 150 6.49 -10.96 -15.58
C SER A 150 5.39 -9.92 -15.54
N GLU A 151 4.13 -10.38 -15.46
CA GLU A 151 2.96 -9.50 -15.31
C GLU A 151 3.04 -8.53 -16.50
N PHE A 152 3.00 -7.22 -16.20
CA PHE A 152 2.97 -6.22 -17.26
C PHE A 152 4.08 -6.30 -18.31
N LEU A 153 5.20 -6.95 -18.00
CA LEU A 153 6.30 -7.08 -18.95
C LEU A 153 6.08 -8.20 -19.97
N ASN A 154 4.99 -8.96 -19.85
CA ASN A 154 4.74 -10.05 -20.78
C ASN A 154 4.57 -9.55 -22.21
N GLY A 155 5.07 -10.34 -23.16
CA GLY A 155 4.86 -10.12 -24.57
C GLY A 155 5.84 -9.19 -25.26
N LEU A 156 6.56 -8.35 -24.52
CA LEU A 156 7.51 -7.44 -25.13
C LEU A 156 8.93 -8.01 -25.04
N THR A 157 9.84 -7.39 -25.80
CA THR A 157 11.21 -7.87 -25.91
C THR A 157 12.02 -7.51 -24.66
N VAL A 158 13.25 -8.04 -24.62
CA VAL A 158 14.15 -7.79 -23.50
C VAL A 158 14.52 -6.31 -23.42
N SER A 159 14.95 -5.74 -24.54
CA SER A 159 15.34 -4.32 -24.55
C SER A 159 14.16 -3.44 -24.16
N GLU A 160 12.96 -3.77 -24.64
CA GLU A 160 11.77 -3.03 -24.25
C GLU A 160 11.41 -3.28 -22.79
N ALA A 161 11.64 -4.50 -22.30
CA ALA A 161 11.38 -4.78 -20.89
C ALA A 161 12.33 -4.02 -19.98
N ARG A 162 13.61 -3.97 -20.34
CA ARG A 162 14.57 -3.25 -19.52
C ARG A 162 14.31 -1.76 -19.53
N LYS A 163 13.74 -1.24 -20.62
CA LYS A 163 13.38 0.17 -20.65
C LYS A 163 12.17 0.46 -19.78
N VAL A 164 11.13 -0.38 -19.87
CA VAL A 164 9.89 -0.14 -19.16
C VAL A 164 10.08 -0.34 -17.65
N ILE A 165 10.77 -1.42 -17.27
CA ILE A 165 10.89 -1.76 -15.84
C ILE A 165 11.61 -0.67 -15.07
N VAL A 166 12.56 0.03 -15.71
CA VAL A 166 13.26 1.12 -15.04
C VAL A 166 12.30 2.28 -14.77
N GLU A 167 11.37 2.52 -15.70
CA GLU A 167 10.38 3.58 -15.49
C GLU A 167 9.46 3.25 -14.32
N LYS A 168 9.07 1.97 -14.17
CA LYS A 168 8.28 1.57 -13.02
C LYS A 168 9.05 1.79 -11.71
N LEU A 169 10.35 1.51 -11.71
CA LEU A 169 11.15 1.69 -10.51
C LEU A 169 11.31 3.18 -10.17
N GLU A 170 11.46 4.02 -11.19
CA GLU A 170 11.68 5.45 -10.94
C GLU A 170 10.38 6.16 -10.60
N GLU A 171 9.28 5.82 -11.27
CA GLU A 171 8.00 6.48 -10.99
C GLU A 171 7.52 6.20 -9.57
N LYS A 172 7.81 5.01 -9.04
CA LYS A 172 7.37 4.61 -7.72
C LYS A 172 8.45 4.80 -6.66
N GLY A 173 9.54 5.49 -6.99
CA GLY A 173 10.60 5.73 -6.03
C GLY A 173 11.31 4.49 -5.55
N ILE A 174 11.30 3.43 -6.37
CA ILE A 174 11.95 2.18 -5.97
C ILE A 174 13.40 2.13 -6.41
N GLY A 175 13.74 2.71 -7.56
CA GLY A 175 15.10 2.64 -8.06
C GLY A 175 15.45 3.84 -8.92
N LYS A 176 16.73 3.93 -9.25
CA LYS A 176 17.27 5.01 -10.07
C LYS A 176 18.37 4.45 -10.95
N LYS A 177 18.68 5.18 -12.02
CA LYS A 177 19.70 4.73 -12.95
C LYS A 177 21.08 4.95 -12.35
N THR A 178 21.96 3.96 -12.53
CA THR A 178 23.34 4.06 -12.06
C THR A 178 24.24 3.35 -13.06
N ILE A 179 25.22 4.08 -13.59
CA ILE A 179 26.10 3.54 -14.61
C ILE A 179 27.33 2.91 -13.95
N GLY B 8 -25.89 5.76 15.95
CA GLY B 8 -24.69 6.06 15.19
C GLY B 8 -24.57 7.51 14.77
N VAL B 9 -23.89 7.75 13.66
CA VAL B 9 -23.66 9.11 13.16
C VAL B 9 -23.46 9.04 11.65
N THR B 10 -23.96 10.05 10.95
CA THR B 10 -23.81 10.16 9.51
C THR B 10 -22.72 11.18 9.19
N ILE B 11 -21.74 10.77 8.39
CA ILE B 11 -20.60 11.60 8.05
C ILE B 11 -20.64 11.91 6.56
N GLU B 12 -20.38 13.17 6.20
CA GLU B 12 -20.43 13.64 4.83
C GLU B 12 -19.02 13.63 4.24
N PHE B 13 -18.77 12.73 3.29
CA PHE B 13 -17.48 12.61 2.62
C PHE B 13 -17.50 13.39 1.31
N LYS B 14 -16.46 14.19 1.08
CA LYS B 14 -16.29 14.88 -0.19
C LYS B 14 -15.70 13.92 -1.22
N ILE B 15 -16.34 13.84 -2.39
CA ILE B 15 -15.87 12.99 -3.48
C ILE B 15 -15.09 13.84 -4.47
N VAL B 16 -13.89 13.39 -4.81
CA VAL B 16 -13.03 14.13 -5.73
C VAL B 16 -13.57 14.09 -7.15
N GLY B 17 -14.35 13.07 -7.50
CA GLY B 17 -14.82 12.88 -8.85
C GLY B 17 -16.03 13.71 -9.27
N LEU B 18 -17.04 13.79 -8.41
CA LEU B 18 -18.33 14.37 -8.79
C LEU B 18 -18.79 15.39 -7.76
N ASN B 19 -19.80 16.17 -8.14
CA ASN B 19 -20.31 17.25 -7.30
C ASN B 19 -21.12 16.75 -6.12
N LYS B 20 -21.87 15.66 -6.29
CA LYS B 20 -22.60 15.08 -5.18
C LYS B 20 -21.61 14.54 -4.14
N LYS B 21 -21.86 14.84 -2.87
CA LYS B 21 -21.02 14.36 -1.79
C LYS B 21 -21.66 13.13 -1.15
N LEU B 22 -20.82 12.15 -0.81
CA LEU B 22 -21.30 10.89 -0.24
C LEU B 22 -21.41 11.03 1.27
N LYS B 23 -22.55 10.60 1.81
CA LYS B 23 -22.82 10.67 3.25
C LYS B 23 -23.03 9.24 3.76
N VAL B 24 -22.09 8.76 4.57
CA VAL B 24 -22.13 7.41 5.12
C VAL B 24 -22.58 7.47 6.57
N PHE B 25 -23.17 6.36 7.01
CA PHE B 25 -23.59 6.20 8.40
C PHE B 25 -22.72 5.13 9.06
N THR B 26 -22.35 5.37 10.31
CA THR B 26 -21.47 4.44 11.02
C THR B 26 -21.82 4.42 12.50
N THR B 27 -21.66 3.25 13.10
CA THR B 27 -21.78 3.08 14.55
C THR B 27 -20.47 3.29 15.29
N CYS B 28 -19.35 3.32 14.56
CA CYS B 28 -18.02 3.46 15.15
C CYS B 28 -17.29 4.61 14.47
N PRO B 29 -17.63 5.85 14.81
CA PRO B 29 -16.92 7.00 14.21
C PRO B 29 -15.50 7.16 14.72
N HIS B 30 -15.18 6.63 15.90
CA HIS B 30 -13.83 6.76 16.42
C HIS B 30 -12.81 6.03 15.55
N THR B 31 -13.24 5.03 14.80
CA THR B 31 -12.37 4.29 13.89
C THR B 31 -12.19 4.98 12.55
N LEU B 32 -12.60 6.24 12.43
CA LEU B 32 -12.50 6.94 11.15
C LEU B 32 -11.06 7.08 10.68
N PHE B 33 -10.12 7.24 11.62
CA PHE B 33 -8.73 7.40 11.25
C PHE B 33 -8.09 6.09 10.77
N GLY B 34 -8.71 4.96 11.08
CA GLY B 34 -8.25 3.68 10.57
C GLY B 34 -8.97 3.24 9.32
N ALA B 35 -9.66 4.18 8.68
CA ALA B 35 -10.42 3.86 7.48
C ALA B 35 -9.49 3.63 6.30
N SER B 36 -9.73 2.53 5.58
CA SER B 36 -8.94 2.19 4.40
C SER B 36 -9.65 2.50 3.09
N PHE B 37 -10.97 2.56 3.10
CA PHE B 37 -11.73 2.75 1.87
C PHE B 37 -13.15 3.17 2.20
N CYS B 38 -13.91 3.48 1.16
CA CYS B 38 -15.35 3.66 1.24
C CYS B 38 -16.02 2.71 0.25
N ALA B 39 -17.29 2.42 0.48
CA ALA B 39 -18.02 1.49 -0.36
C ALA B 39 -19.50 1.79 -0.30
N VAL B 40 -20.19 1.55 -1.43
CA VAL B 40 -21.61 1.81 -1.55
C VAL B 40 -22.27 0.58 -2.17
N ALA B 41 -23.60 0.51 -2.01
CA ALA B 41 -24.37 -0.56 -2.59
C ALA B 41 -24.60 -0.31 -4.08
N ILE B 42 -25.13 -1.33 -4.76
CA ILE B 42 -25.34 -1.24 -6.19
C ILE B 42 -26.49 -0.28 -6.50
N GLU B 43 -27.51 -0.23 -5.65
CA GLU B 43 -28.68 0.61 -5.86
C GLU B 43 -28.53 2.00 -5.27
N HIS B 44 -27.30 2.45 -5.03
CA HIS B 44 -27.09 3.77 -4.44
C HIS B 44 -27.28 4.85 -5.51
N PRO B 45 -27.84 6.01 -5.14
CA PRO B 45 -28.00 7.10 -6.12
C PRO B 45 -26.74 7.45 -6.88
N ILE B 46 -25.58 7.44 -6.21
CA ILE B 46 -24.32 7.79 -6.86
C ILE B 46 -24.02 6.84 -8.02
N VAL B 47 -24.43 5.58 -7.91
CA VAL B 47 -24.14 4.59 -8.94
C VAL B 47 -24.85 4.95 -10.25
N GLN B 48 -26.16 5.17 -10.19
CA GLN B 48 -26.92 5.43 -11.41
C GLN B 48 -26.78 6.87 -11.90
N ASP B 49 -26.32 7.79 -11.06
CA ASP B 49 -26.32 9.20 -11.42
C ASP B 49 -25.19 9.54 -12.38
N LEU B 50 -23.95 9.22 -12.02
CA LEU B 50 -22.78 9.64 -12.77
C LEU B 50 -21.79 8.49 -12.98
N MET B 51 -22.33 7.29 -13.21
CA MET B 51 -21.48 6.13 -13.53
C MET B 51 -22.08 5.31 -14.66
N GLU B 54 -18.89 1.24 -19.56
CA GLU B 54 -18.25 -0.05 -19.33
C GLU B 54 -18.20 -0.37 -17.84
N ILE B 55 -18.17 0.68 -17.02
CA ILE B 55 -18.16 0.47 -15.57
C ILE B 55 -19.49 -0.10 -15.10
N GLN B 56 -20.59 0.26 -15.76
CA GLN B 56 -21.89 -0.32 -15.42
C GLN B 56 -21.99 -1.75 -15.90
N ASP B 57 -21.25 -2.09 -16.95
CA ASP B 57 -21.21 -3.47 -17.43
C ASP B 57 -20.66 -4.41 -16.35
N LEU B 58 -19.60 -3.98 -15.67
CA LEU B 58 -19.02 -4.80 -14.61
C LEU B 58 -19.90 -4.83 -13.37
N ILE B 59 -20.62 -3.74 -13.09
CA ILE B 59 -21.43 -3.69 -11.87
C ILE B 59 -22.69 -4.53 -12.04
N SER B 60 -23.42 -4.33 -13.12
CA SER B 60 -24.72 -4.98 -13.29
C SER B 60 -24.57 -6.49 -13.45
N SER B 61 -23.73 -6.92 -14.40
CA SER B 61 -23.60 -8.33 -14.69
C SER B 61 -22.77 -9.06 -13.64
N ILE B 62 -21.52 -8.66 -13.48
CA ILE B 62 -20.60 -9.35 -12.57
C ILE B 62 -20.83 -8.86 -11.14
N LYS B 63 -20.75 -9.78 -10.19
CA LYS B 63 -20.87 -9.44 -8.78
C LYS B 63 -19.70 -9.99 -7.98
N VAL B 72 -17.04 -9.58 -2.98
CA VAL B 72 -16.14 -8.86 -3.88
C VAL B 72 -16.76 -7.53 -4.30
N GLY B 73 -15.91 -6.61 -4.78
CA GLY B 73 -16.35 -5.30 -5.20
C GLY B 73 -15.55 -4.81 -6.38
N ILE B 74 -15.95 -3.65 -6.91
CA ILE B 74 -15.32 -3.04 -8.07
C ILE B 74 -14.95 -1.61 -7.72
N TYR B 75 -13.75 -1.20 -8.12
CA TYR B 75 -13.28 0.15 -7.88
C TYR B 75 -13.90 1.11 -8.88
N THR B 76 -14.46 2.22 -8.36
CA THR B 76 -15.17 3.17 -9.20
C THR B 76 -14.25 3.97 -10.10
N GLY B 77 -12.97 4.12 -9.73
CA GLY B 77 -12.06 5.00 -10.42
C GLY B 77 -11.88 6.34 -9.73
N LEU B 78 -12.70 6.64 -8.72
CA LEU B 78 -12.63 7.89 -7.99
C LEU B 78 -12.33 7.61 -6.52
N ASN B 79 -11.80 8.62 -5.86
CA ASN B 79 -11.49 8.56 -4.43
C ASN B 79 -12.40 9.51 -3.66
N VAL B 80 -12.30 9.45 -2.34
CA VAL B 80 -13.00 10.37 -1.44
C VAL B 80 -11.99 10.97 -0.48
N LYS B 81 -12.16 12.27 -0.20
CA LYS B 81 -11.24 12.98 0.68
C LYS B 81 -11.55 12.63 2.12
N HIS B 82 -10.52 12.19 2.85
CA HIS B 82 -10.69 11.90 4.26
C HIS B 82 -10.91 13.21 5.02
N PRO B 83 -11.93 13.28 5.88
CA PRO B 83 -12.28 14.58 6.48
C PRO B 83 -11.21 15.16 7.38
N PHE B 84 -10.37 14.33 8.01
CA PHE B 84 -9.41 14.82 8.98
C PHE B 84 -7.96 14.55 8.59
N LEU B 85 -7.70 14.03 7.39
CA LEU B 85 -6.34 13.72 6.98
C LEU B 85 -6.13 14.14 5.53
N ASP B 86 -4.89 14.54 5.22
CA ASP B 86 -4.47 14.78 3.84
C ASP B 86 -4.26 13.42 3.19
N LYS B 87 -5.38 12.78 2.84
CA LYS B 87 -5.37 11.39 2.44
C LYS B 87 -6.68 11.09 1.72
N GLU B 88 -6.59 10.37 0.61
CA GLU B 88 -7.76 9.97 -0.16
C GLU B 88 -8.01 8.48 0.00
N LEU B 89 -9.29 8.09 -0.05
CA LEU B 89 -9.68 6.71 0.10
C LEU B 89 -10.41 6.23 -1.15
N PRO B 90 -10.09 5.04 -1.66
CA PRO B 90 -10.76 4.54 -2.87
C PRO B 90 -12.22 4.23 -2.60
N LEU B 91 -13.07 4.60 -3.55
CA LEU B 91 -14.51 4.34 -3.47
C LEU B 91 -14.83 3.06 -4.23
N TYR B 92 -15.57 2.17 -3.59
CA TYR B 92 -15.87 0.85 -4.13
C TYR B 92 -17.37 0.62 -4.22
N VAL B 93 -17.73 -0.38 -5.01
CA VAL B 93 -19.11 -0.85 -5.15
C VAL B 93 -19.07 -2.36 -4.97
N ALA B 94 -19.65 -2.85 -3.88
CA ALA B 94 -19.57 -4.26 -3.52
C ALA B 94 -20.97 -4.88 -3.50
N ASN B 95 -21.00 -6.20 -3.70
CA ASN B 95 -22.27 -6.92 -3.73
C ASN B 95 -22.83 -7.17 -2.34
N PHE B 96 -21.98 -7.48 -1.36
CA PHE B 96 -22.48 -7.81 -0.03
C PHE B 96 -22.92 -6.57 0.75
N VAL B 97 -22.71 -5.38 0.21
CA VAL B 97 -23.18 -4.17 0.89
C VAL B 97 -24.69 -4.18 0.97
N LEU B 98 -25.20 -3.85 2.14
CA LEU B 98 -26.63 -3.86 2.42
C LEU B 98 -27.24 -2.48 2.21
N MET B 99 -28.29 -2.42 1.38
CA MET B 99 -28.95 -1.16 1.08
C MET B 99 -30.00 -0.81 2.12
N GLU B 100 -30.69 -1.81 2.66
CA GLU B 100 -31.82 -1.56 3.56
C GLU B 100 -31.38 -0.82 4.81
N TYR B 101 -30.21 -1.16 5.37
CA TYR B 101 -29.76 -0.60 6.64
C TYR B 101 -29.31 0.82 6.31
N ARG B 102 -30.07 1.81 6.80
CA ARG B 102 -29.72 3.23 6.72
C ARG B 102 -29.41 3.65 5.29
N GLU B 103 -28.27 4.31 5.03
CA GLU B 103 -28.00 4.86 3.71
C GLU B 103 -27.47 3.83 2.72
N GLY B 104 -26.86 2.75 3.21
CA GLY B 104 -26.20 1.80 2.33
C GLY B 104 -24.82 2.22 1.88
N ALA B 105 -24.16 3.09 2.65
CA ALA B 105 -22.80 3.54 2.36
C ALA B 105 -22.02 3.56 3.66
N ILE B 106 -20.79 3.06 3.61
CA ILE B 106 -19.96 2.90 4.80
C ILE B 106 -18.49 3.08 4.43
N PHE B 107 -17.64 3.23 5.44
CA PHE B 107 -16.20 3.21 5.29
C PHE B 107 -15.65 1.96 5.97
N GLY B 108 -14.62 1.37 5.37
CA GLY B 108 -14.08 0.11 5.83
C GLY B 108 -12.90 0.31 6.78
N CYS B 109 -12.94 -0.42 7.90
CA CYS B 109 -11.87 -0.44 8.89
C CYS B 109 -11.34 -1.86 8.98
N PRO B 110 -10.40 -2.23 8.11
CA PRO B 110 -9.92 -3.63 8.08
C PRO B 110 -9.43 -4.18 9.41
N ALA B 111 -8.73 -3.36 10.20
CA ALA B 111 -8.06 -3.87 11.39
C ALA B 111 -9.01 -4.30 12.49
N HIS B 112 -10.26 -3.84 12.48
CA HIS B 112 -11.19 -4.14 13.55
C HIS B 112 -12.56 -4.56 13.02
N ASP B 113 -12.59 -5.24 11.88
CA ASP B 113 -13.85 -5.70 11.31
C ASP B 113 -13.56 -6.83 10.33
N GLN B 114 -14.22 -7.99 10.54
CA GLN B 114 -13.97 -9.13 9.68
C GLN B 114 -14.53 -8.92 8.28
N ARG B 115 -15.62 -8.17 8.15
CA ARG B 115 -16.15 -7.83 6.84
C ARG B 115 -15.16 -6.97 6.06
N ASP B 116 -14.62 -5.94 6.70
CA ASP B 116 -13.75 -5.00 6.01
C ASP B 116 -12.37 -5.59 5.74
N PHE B 117 -11.89 -6.50 6.60
CA PHE B 117 -10.57 -7.08 6.39
C PHE B 117 -10.53 -7.93 5.13
N GLU B 118 -11.44 -8.90 5.02
CA GLU B 118 -11.48 -9.76 3.84
C GLU B 118 -11.59 -8.95 2.55
N PHE B 119 -12.28 -7.82 2.60
CA PHE B 119 -12.28 -6.90 1.48
C PHE B 119 -10.86 -6.38 1.20
N ALA B 120 -10.22 -5.80 2.22
CA ALA B 120 -8.88 -5.24 2.03
C ALA B 120 -7.86 -6.32 1.67
N GLN B 121 -8.05 -7.54 2.18
CA GLN B 121 -7.11 -8.62 1.86
C GLN B 121 -7.15 -8.96 0.38
N GLU B 122 -8.36 -9.04 -0.20
CA GLU B 122 -8.47 -9.40 -1.61
C GLU B 122 -7.93 -8.31 -2.52
N TYR B 123 -8.29 -7.05 -2.25
CA TYR B 123 -7.94 -5.94 -3.12
C TYR B 123 -6.73 -5.15 -2.62
N ASP B 124 -5.94 -5.74 -1.73
CA ASP B 124 -4.64 -5.19 -1.32
C ASP B 124 -4.78 -3.79 -0.74
N LEU B 125 -5.82 -3.57 0.05
CA LEU B 125 -5.97 -2.26 0.68
C LEU B 125 -5.27 -2.25 2.04
N PRO B 126 -4.72 -1.10 2.44
CA PRO B 126 -3.88 -1.06 3.64
C PRO B 126 -4.67 -1.27 4.91
N ILE B 127 -4.00 -1.82 5.92
CA ILE B 127 -4.59 -2.11 7.22
C ILE B 127 -3.99 -1.15 8.25
N ILE B 128 -4.85 -0.38 8.91
CA ILE B 128 -4.41 0.62 9.87
C ILE B 128 -5.09 0.37 11.22
N PRO B 129 -4.39 -0.18 12.20
CA PRO B 129 -4.99 -0.35 13.53
C PRO B 129 -5.00 0.94 14.33
N VAL B 130 -6.09 1.15 15.07
CA VAL B 130 -6.27 2.39 15.81
C VAL B 130 -6.80 2.16 17.22
N ILE B 131 -6.98 0.90 17.60
CA ILE B 131 -7.55 0.55 18.91
C ILE B 131 -6.58 -0.38 19.63
N SER B 132 -5.86 0.15 20.60
CA SER B 132 -4.94 -0.63 21.43
C SER B 132 -5.74 -1.29 22.55
N SER B 133 -5.99 -2.59 22.43
CA SER B 133 -6.80 -3.32 23.39
C SER B 133 -6.03 -3.60 24.68
N ALA B 134 -6.75 -3.55 25.80
CA ALA B 134 -6.19 -3.84 27.12
C ALA B 134 -6.61 -5.22 27.59
N ARG B 135 -5.97 -5.68 28.66
CA ARG B 135 -6.29 -6.99 29.24
C ARG B 135 -7.77 -7.07 29.61
N LEU B 136 -8.34 -8.27 29.44
CA LEU B 136 -9.79 -8.42 29.52
C LEU B 136 -10.33 -8.05 30.90
N GLY B 137 -9.86 -8.74 31.94
CA GLY B 137 -10.41 -8.57 33.28
C GLY B 137 -10.50 -7.13 33.76
N ILE B 138 -9.60 -6.27 33.27
CA ILE B 138 -9.61 -4.87 33.66
C ILE B 138 -10.19 -3.96 32.58
N GLU B 139 -10.24 -4.42 31.32
CA GLU B 139 -10.66 -3.59 30.20
C GLU B 139 -12.08 -3.06 30.35
N GLU B 140 -13.06 -3.94 30.16
CA GLU B 140 -14.41 -3.50 29.80
C GLU B 140 -15.22 -2.97 30.97
N TYR B 141 -14.77 -3.15 32.22
CA TYR B 141 -15.45 -2.49 33.33
C TYR B 141 -15.32 -0.97 33.24
N THR B 142 -14.08 -0.48 33.12
CA THR B 142 -13.86 0.95 33.02
C THR B 142 -12.77 1.27 32.00
N ASN B 143 -11.66 0.54 32.05
CA ASN B 143 -10.48 0.84 31.23
C ASN B 143 -10.76 0.47 29.77
N ASN B 144 -11.54 1.30 29.11
CA ASN B 144 -11.79 1.10 27.69
C ASN B 144 -10.49 1.21 26.91
N SER B 145 -10.45 0.55 25.74
CA SER B 145 -9.23 0.49 24.95
C SER B 145 -8.77 1.89 24.53
N ILE B 146 -7.46 2.04 24.39
CA ILE B 146 -6.84 3.33 24.11
C ILE B 146 -6.73 3.53 22.61
N MET B 147 -7.24 4.66 22.13
CA MET B 147 -7.12 5.00 20.72
C MET B 147 -5.70 5.42 20.38
N PHE B 148 -5.29 5.14 19.14
CA PHE B 148 -4.00 5.59 18.63
C PHE B 148 -4.11 5.67 17.11
N ASN B 149 -3.05 6.19 16.48
CA ASN B 149 -3.04 6.45 15.04
C ASN B 149 -4.25 7.28 14.61
N SER B 150 -4.74 8.13 15.51
CA SER B 150 -5.96 8.90 15.25
C SER B 150 -5.77 10.38 15.53
N GLU B 151 -4.53 10.85 15.46
CA GLU B 151 -4.20 12.27 15.64
C GLU B 151 -4.79 12.65 17.00
N PHE B 152 -5.59 13.71 17.04
CA PHE B 152 -6.11 14.20 18.30
C PHE B 152 -6.83 13.19 19.20
N LEU B 153 -7.31 12.09 18.63
CA LEU B 153 -8.00 11.08 19.43
C LEU B 153 -7.04 10.15 20.17
N ASN B 154 -5.73 10.27 19.95
CA ASN B 154 -4.77 9.42 20.62
C ASN B 154 -4.85 9.60 22.13
N GLY B 155 -4.65 8.50 22.86
CA GLY B 155 -4.61 8.55 24.30
C GLY B 155 -5.96 8.45 24.98
N LEU B 156 -7.05 8.64 24.25
CA LEU B 156 -8.38 8.60 24.86
C LEU B 156 -8.98 7.20 24.74
N THR B 157 -10.01 6.96 25.53
CA THR B 157 -10.71 5.69 25.50
C THR B 157 -11.64 5.64 24.30
N VAL B 158 -12.23 4.46 24.07
CA VAL B 158 -13.17 4.32 22.96
C VAL B 158 -14.39 5.21 23.18
N SER B 159 -14.99 5.12 24.38
CA SER B 159 -16.18 5.90 24.69
C SER B 159 -15.88 7.41 24.65
N GLU B 160 -14.72 7.81 25.18
CA GLU B 160 -14.36 9.23 25.15
C GLU B 160 -14.03 9.69 23.74
N ALA B 161 -13.41 8.83 22.94
CA ALA B 161 -13.14 9.19 21.55
C ALA B 161 -14.44 9.30 20.76
N ARG B 162 -15.40 8.42 21.01
CA ARG B 162 -16.66 8.47 20.31
C ARG B 162 -17.44 9.74 20.63
N LYS B 163 -17.26 10.28 21.84
CA LYS B 163 -17.90 11.54 22.17
C LYS B 163 -17.22 12.71 21.47
N VAL B 164 -15.88 12.73 21.47
CA VAL B 164 -15.15 13.87 20.93
C VAL B 164 -15.29 13.94 19.41
N ILE B 165 -15.17 12.80 18.73
CA ILE B 165 -15.18 12.80 17.27
C ILE B 165 -16.52 13.29 16.74
N VAL B 166 -17.62 13.03 17.46
CA VAL B 166 -18.92 13.52 17.04
C VAL B 166 -18.99 15.03 17.17
N GLU B 167 -18.36 15.57 18.21
CA GLU B 167 -18.30 17.02 18.37
C GLU B 167 -17.49 17.67 17.26
N LYS B 168 -16.40 17.04 16.84
CA LYS B 168 -15.63 17.54 15.70
C LYS B 168 -16.46 17.52 14.43
N LEU B 169 -17.28 16.49 14.24
CA LEU B 169 -18.12 16.40 13.05
C LEU B 169 -19.22 17.46 13.08
N GLU B 170 -19.78 17.73 14.25
CA GLU B 170 -20.88 18.68 14.35
C GLU B 170 -20.39 20.12 14.29
N GLU B 171 -19.26 20.42 14.94
CA GLU B 171 -18.74 21.78 14.93
C GLU B 171 -18.33 22.22 13.53
N LYS B 172 -17.85 21.28 12.71
CA LYS B 172 -17.39 21.59 11.37
C LYS B 172 -18.43 21.30 10.30
N GLY B 173 -19.68 21.03 10.71
CA GLY B 173 -20.73 20.77 9.75
C GLY B 173 -20.54 19.53 8.92
N ILE B 174 -19.81 18.54 9.43
CA ILE B 174 -19.54 17.33 8.68
C ILE B 174 -20.60 16.26 8.96
N GLY B 175 -21.10 16.18 10.19
CA GLY B 175 -22.06 15.15 10.52
C GLY B 175 -22.98 15.53 11.66
N LYS B 176 -24.00 14.69 11.87
CA LYS B 176 -24.96 14.89 12.94
C LYS B 176 -25.37 13.53 13.50
N LYS B 177 -25.91 13.56 14.71
CA LYS B 177 -26.26 12.34 15.44
C LYS B 177 -27.50 11.67 14.87
N THR B 178 -27.47 10.34 14.79
CA THR B 178 -28.62 9.53 14.38
C THR B 178 -28.55 8.23 15.18
N ILE B 179 -29.36 8.14 16.23
CA ILE B 179 -29.39 6.94 17.06
C ILE B 179 -30.16 5.83 16.36
N GLY C 8 -0.87 24.39 -32.85
CA GLY C 8 -1.07 23.59 -31.65
C GLY C 8 -0.34 22.26 -31.68
N VAL C 9 -0.85 21.28 -30.94
CA VAL C 9 -0.23 19.97 -30.85
C VAL C 9 -1.26 18.99 -30.31
N THR C 10 -1.16 17.74 -30.76
CA THR C 10 -2.03 16.67 -30.31
C THR C 10 -1.25 15.71 -29.42
N ILE C 11 -1.89 15.23 -28.35
CA ILE C 11 -1.24 14.34 -27.40
C ILE C 11 -2.12 13.10 -27.24
N GLU C 12 -1.47 11.94 -27.09
CA GLU C 12 -2.14 10.65 -27.01
C GLU C 12 -2.15 10.18 -25.56
N PHE C 13 -3.35 10.09 -24.98
CA PHE C 13 -3.52 9.63 -23.60
C PHE C 13 -3.97 8.17 -23.61
N LYS C 14 -3.20 7.31 -22.95
CA LYS C 14 -3.58 5.92 -22.80
C LYS C 14 -4.69 5.78 -21.77
N ILE C 15 -5.80 5.15 -22.18
CA ILE C 15 -6.86 4.84 -21.24
C ILE C 15 -6.42 3.67 -20.36
N VAL C 16 -6.61 3.81 -19.05
CA VAL C 16 -6.12 2.79 -18.12
C VAL C 16 -6.93 1.52 -18.28
N GLY C 17 -6.23 0.39 -18.38
CA GLY C 17 -6.85 -0.91 -18.48
C GLY C 17 -6.95 -1.46 -19.89
N LEU C 18 -7.06 -0.59 -20.88
CA LEU C 18 -7.32 -0.99 -22.25
C LEU C 18 -6.12 -0.69 -23.15
N ASN C 19 -6.21 -1.20 -24.38
CA ASN C 19 -5.16 -0.98 -25.37
C ASN C 19 -5.32 0.35 -26.10
N LYS C 20 -6.56 0.79 -26.31
CA LYS C 20 -6.80 2.01 -27.07
C LYS C 20 -6.41 3.24 -26.25
N LYS C 21 -6.15 4.33 -26.97
CA LYS C 21 -5.71 5.58 -26.38
C LYS C 21 -6.47 6.75 -27.00
N LEU C 22 -6.72 7.76 -26.18
CA LEU C 22 -7.48 8.95 -26.58
C LEU C 22 -6.55 10.09 -26.95
N LYS C 23 -6.81 10.72 -28.09
CA LYS C 23 -6.01 11.82 -28.60
C LYS C 23 -6.71 13.14 -28.31
N VAL C 24 -6.05 14.03 -27.59
CA VAL C 24 -6.59 15.35 -27.28
C VAL C 24 -5.72 16.41 -27.94
N PHE C 25 -6.36 17.53 -28.31
CA PHE C 25 -5.68 18.69 -28.87
C PHE C 25 -5.48 19.75 -27.80
N THR C 26 -4.35 20.45 -27.86
CA THR C 26 -4.04 21.49 -26.89
C THR C 26 -3.17 22.55 -27.54
N THR C 27 -3.47 23.82 -27.25
CA THR C 27 -2.62 24.91 -27.70
C THR C 27 -1.44 25.14 -26.77
N CYS C 28 -1.61 24.84 -25.48
CA CYS C 28 -0.57 25.04 -24.47
C CYS C 28 -0.16 23.69 -23.90
N PRO C 29 0.80 23.00 -24.53
CA PRO C 29 1.27 21.72 -23.99
C PRO C 29 2.15 21.85 -22.77
N HIS C 30 2.66 23.05 -22.48
CA HIS C 30 3.48 23.25 -21.28
C HIS C 30 2.66 23.14 -20.00
N THR C 31 1.35 23.35 -20.07
CA THR C 31 0.47 23.19 -18.91
C THR C 31 0.10 21.73 -18.65
N LEU C 32 0.72 20.79 -19.36
CA LEU C 32 0.36 19.38 -19.22
C LEU C 32 0.53 18.89 -17.79
N PHE C 33 1.57 19.36 -17.10
CA PHE C 33 1.83 18.90 -15.74
C PHE C 33 0.76 19.39 -14.77
N GLY C 34 0.12 20.52 -15.08
CA GLY C 34 -0.96 21.01 -14.25
C GLY C 34 -2.33 20.52 -14.68
N ALA C 35 -2.35 19.39 -15.39
CA ALA C 35 -3.60 18.82 -15.87
C ALA C 35 -4.35 18.15 -14.72
N SER C 36 -5.63 18.46 -14.61
CA SER C 36 -6.48 17.89 -13.57
C SER C 36 -7.41 16.80 -14.07
N PHE C 37 -7.82 16.87 -15.34
CA PHE C 37 -8.80 15.94 -15.88
C PHE C 37 -8.71 15.96 -17.40
N CYS C 38 -9.51 15.11 -18.03
CA CYS C 38 -9.71 15.13 -19.47
C CYS C 38 -11.20 15.08 -19.77
N ALA C 39 -11.60 15.71 -20.87
CA ALA C 39 -13.01 15.81 -21.21
C ALA C 39 -13.20 15.69 -22.71
N VAL C 40 -14.28 15.01 -23.11
CA VAL C 40 -14.66 14.86 -24.50
C VAL C 40 -16.10 15.32 -24.66
N ALA C 41 -16.48 15.61 -25.90
CA ALA C 41 -17.83 16.04 -26.19
C ALA C 41 -18.73 14.83 -26.44
N ILE C 42 -20.02 15.10 -26.67
CA ILE C 42 -21.01 14.04 -26.73
C ILE C 42 -20.83 13.19 -27.97
N GLU C 43 -20.47 13.81 -29.10
CA GLU C 43 -20.39 13.14 -30.38
C GLU C 43 -19.03 12.52 -30.66
N HIS C 44 -18.25 12.22 -29.62
CA HIS C 44 -16.96 11.59 -29.83
C HIS C 44 -17.15 10.09 -30.11
N PRO C 45 -16.33 9.50 -30.99
CA PRO C 45 -16.46 8.06 -31.25
C PRO C 45 -16.36 7.20 -30.00
N ILE C 46 -15.51 7.59 -29.05
CA ILE C 46 -15.32 6.79 -27.83
C ILE C 46 -16.62 6.71 -27.03
N VAL C 47 -17.46 7.74 -27.12
CA VAL C 47 -18.70 7.78 -26.35
C VAL C 47 -19.63 6.65 -26.79
N GLN C 48 -19.81 6.47 -28.10
CA GLN C 48 -20.67 5.42 -28.59
C GLN C 48 -19.96 4.07 -28.70
N ASP C 49 -18.63 4.06 -28.64
CA ASP C 49 -17.89 2.82 -28.82
C ASP C 49 -18.02 1.91 -27.62
N LEU C 50 -17.76 2.43 -26.42
CA LEU C 50 -17.68 1.60 -25.22
C LEU C 50 -18.45 2.23 -24.06
N MET C 51 -19.58 2.86 -24.36
CA MET C 51 -20.45 3.39 -23.30
C MET C 51 -21.92 3.18 -23.65
N ILE C 55 -25.10 5.41 -19.37
CA ILE C 55 -24.16 6.51 -19.59
C ILE C 55 -24.60 7.35 -20.77
N GLN C 56 -24.54 6.76 -21.97
CA GLN C 56 -25.03 7.44 -23.16
C GLN C 56 -26.52 7.70 -23.08
N ASP C 57 -27.27 6.80 -22.43
CA ASP C 57 -28.71 7.00 -22.29
C ASP C 57 -29.01 8.21 -21.41
N LEU C 58 -28.23 8.40 -20.34
CA LEU C 58 -28.46 9.52 -19.44
C LEU C 58 -28.22 10.86 -20.13
N ILE C 59 -27.25 10.92 -21.05
CA ILE C 59 -26.91 12.17 -21.71
C ILE C 59 -28.02 12.57 -22.68
N SER C 60 -28.50 11.61 -23.49
CA SER C 60 -29.46 11.94 -24.53
C SER C 60 -30.84 12.21 -23.96
N SER C 61 -31.24 11.48 -22.93
CA SER C 61 -32.60 11.59 -22.41
C SER C 61 -32.85 12.96 -21.79
N ILE C 62 -32.11 13.31 -20.75
CA ILE C 62 -32.25 14.61 -20.09
C ILE C 62 -31.39 15.62 -20.85
N LYS C 63 -31.98 16.78 -21.14
CA LYS C 63 -31.26 17.84 -21.81
C LYS C 63 -30.30 18.52 -20.84
N ILE C 64 -29.04 18.63 -21.23
CA ILE C 64 -28.00 19.20 -20.38
C ILE C 64 -27.98 20.72 -20.52
N LYS C 71 -23.01 23.07 -19.25
CA LYS C 71 -22.51 23.73 -18.05
C LYS C 71 -22.16 22.71 -16.97
N VAL C 72 -22.47 21.43 -17.25
CA VAL C 72 -22.16 20.33 -16.34
C VAL C 72 -21.61 19.17 -17.16
N GLY C 73 -20.72 18.41 -16.53
CA GLY C 73 -20.11 17.26 -17.17
C GLY C 73 -20.46 15.94 -16.49
N ILE C 74 -20.41 14.84 -17.23
CA ILE C 74 -20.77 13.53 -16.71
C ILE C 74 -19.52 12.65 -16.75
N TYR C 75 -19.20 12.05 -15.59
CA TYR C 75 -18.03 11.18 -15.50
C TYR C 75 -18.27 9.89 -16.28
N THR C 76 -17.29 9.51 -17.09
CA THR C 76 -17.43 8.32 -17.93
C THR C 76 -17.36 7.05 -17.09
N GLY C 77 -16.35 6.94 -16.25
CA GLY C 77 -16.08 5.70 -15.53
C GLY C 77 -14.66 5.25 -15.73
N LEU C 78 -14.06 5.67 -16.84
CA LEU C 78 -12.67 5.35 -17.16
C LEU C 78 -11.76 6.53 -16.84
N ASN C 79 -10.53 6.22 -16.48
CA ASN C 79 -9.49 7.22 -16.26
C ASN C 79 -8.39 7.05 -17.30
N VAL C 80 -7.61 8.10 -17.49
CA VAL C 80 -6.53 8.11 -18.48
C VAL C 80 -5.20 8.29 -17.75
N LYS C 81 -4.18 7.59 -18.23
CA LYS C 81 -2.85 7.66 -17.63
C LYS C 81 -2.16 8.96 -18.02
N HIS C 82 -1.55 9.61 -17.03
CA HIS C 82 -0.78 10.81 -17.32
C HIS C 82 0.58 10.41 -17.90
N PRO C 83 0.99 11.02 -19.03
CA PRO C 83 2.21 10.54 -19.71
C PRO C 83 3.48 10.65 -18.87
N PHE C 84 3.58 11.65 -18.00
CA PHE C 84 4.82 11.91 -17.27
C PHE C 84 4.72 11.66 -15.77
N LEU C 85 3.55 11.30 -15.26
CA LEU C 85 3.36 11.10 -13.83
C LEU C 85 2.55 9.85 -13.58
N ASP C 86 2.90 9.12 -12.52
CA ASP C 86 2.12 7.97 -12.07
C ASP C 86 0.84 8.50 -11.44
N LYS C 87 -0.12 8.83 -12.30
CA LYS C 87 -1.35 9.47 -11.88
C LYS C 87 -2.38 9.33 -12.98
N GLU C 88 -3.63 9.07 -12.60
CA GLU C 88 -4.72 8.84 -13.54
C GLU C 88 -5.68 10.02 -13.51
N LEU C 89 -5.94 10.61 -14.69
CA LEU C 89 -6.87 11.72 -14.81
C LEU C 89 -8.26 11.21 -15.18
N PRO C 90 -9.31 11.64 -14.47
CA PRO C 90 -10.65 11.16 -14.78
C PRO C 90 -11.16 11.74 -16.10
N LEU C 91 -11.83 10.90 -16.88
CA LEU C 91 -12.38 11.30 -18.16
C LEU C 91 -13.85 11.67 -18.00
N TYR C 92 -14.26 12.75 -18.67
CA TYR C 92 -15.61 13.29 -18.53
C TYR C 92 -16.25 13.46 -19.91
N VAL C 93 -17.56 13.68 -19.89
CA VAL C 93 -18.34 14.00 -21.09
C VAL C 93 -19.01 15.34 -20.83
N ALA C 94 -18.48 16.40 -21.42
CA ALA C 94 -18.95 17.75 -21.19
C ALA C 94 -19.73 18.25 -22.41
N ASN C 95 -20.70 19.13 -22.17
CA ASN C 95 -21.44 19.77 -23.25
C ASN C 95 -20.81 21.08 -23.69
N PHE C 96 -20.04 21.74 -22.83
CA PHE C 96 -19.40 22.99 -23.24
C PHE C 96 -18.24 22.74 -24.19
N VAL C 97 -17.55 21.61 -24.04
CA VAL C 97 -16.50 21.25 -24.98
C VAL C 97 -17.15 20.90 -26.32
N LEU C 98 -16.43 21.18 -27.41
CA LEU C 98 -17.03 21.28 -28.73
C LEU C 98 -16.33 20.34 -29.70
N MET C 99 -17.11 19.47 -30.34
CA MET C 99 -16.57 18.45 -31.24
C MET C 99 -15.96 19.06 -32.49
N GLU C 100 -16.70 19.95 -33.16
CA GLU C 100 -16.30 20.48 -34.46
C GLU C 100 -14.87 21.01 -34.44
N TYR C 101 -14.48 21.67 -33.35
CA TYR C 101 -13.13 22.19 -33.22
C TYR C 101 -12.13 21.07 -32.97
N ARG C 102 -11.22 20.87 -33.91
CA ARG C 102 -10.09 19.95 -33.79
C ARG C 102 -10.53 18.55 -33.36
N GLU C 103 -9.78 17.95 -32.44
CA GLU C 103 -10.08 16.60 -31.97
C GLU C 103 -11.41 16.55 -31.21
N GLY C 104 -11.79 17.65 -30.57
CA GLY C 104 -12.95 17.64 -29.71
C GLY C 104 -12.71 17.07 -28.33
N ALA C 105 -11.46 17.00 -27.91
CA ALA C 105 -11.09 16.50 -26.59
C ALA C 105 -9.93 17.33 -26.05
N ILE C 106 -9.99 17.65 -24.76
CA ILE C 106 -9.00 18.51 -24.11
C ILE C 106 -8.72 18.00 -22.71
N PHE C 107 -7.54 18.38 -22.20
CA PHE C 107 -7.20 18.22 -20.80
C PHE C 107 -7.32 19.57 -20.11
N GLY C 108 -7.82 19.55 -18.88
CA GLY C 108 -8.13 20.78 -18.15
C GLY C 108 -6.98 21.19 -17.24
N CYS C 109 -6.72 22.50 -17.23
CA CYS C 109 -5.72 23.12 -16.35
C CYS C 109 -6.44 24.17 -15.53
N PRO C 110 -7.02 23.79 -14.38
CA PRO C 110 -7.87 24.74 -13.64
C PRO C 110 -7.14 25.93 -13.09
N ALA C 111 -5.84 25.81 -12.78
CA ALA C 111 -5.12 26.91 -12.16
C ALA C 111 -4.90 28.09 -13.10
N HIS C 112 -4.96 27.87 -14.40
CA HIS C 112 -4.70 28.93 -15.38
C HIS C 112 -5.76 28.95 -16.46
N ASP C 113 -7.02 28.72 -16.08
CA ASP C 113 -8.11 28.78 -17.04
C ASP C 113 -9.42 28.95 -16.27
N GLN C 114 -10.26 29.89 -16.72
CA GLN C 114 -11.52 30.13 -16.03
C GLN C 114 -12.50 28.99 -16.24
N ARG C 115 -12.58 28.46 -17.46
CA ARG C 115 -13.48 27.34 -17.74
C ARG C 115 -13.05 26.10 -16.97
N ASP C 116 -11.75 25.80 -16.96
CA ASP C 116 -11.27 24.59 -16.29
C ASP C 116 -11.44 24.69 -14.78
N PHE C 117 -11.24 25.87 -14.21
CA PHE C 117 -11.44 26.03 -12.77
C PHE C 117 -12.91 25.84 -12.40
N GLU C 118 -13.80 26.58 -13.06
CA GLU C 118 -15.22 26.48 -12.76
C GLU C 118 -15.73 25.04 -12.85
N PHE C 119 -15.11 24.24 -13.72
CA PHE C 119 -15.40 22.81 -13.74
C PHE C 119 -14.80 22.12 -12.52
N ALA C 120 -13.54 22.42 -12.21
CA ALA C 120 -12.87 21.76 -11.09
C ALA C 120 -13.55 22.06 -9.77
N GLN C 121 -14.00 23.30 -9.58
CA GLN C 121 -14.68 23.65 -8.34
C GLN C 121 -16.03 22.95 -8.23
N GLU C 122 -16.72 22.77 -9.35
CA GLU C 122 -18.00 22.07 -9.34
C GLU C 122 -17.83 20.62 -8.92
N TYR C 123 -16.88 19.92 -9.55
CA TYR C 123 -16.71 18.49 -9.34
C TYR C 123 -15.53 18.15 -8.42
N ASP C 124 -15.02 19.14 -7.69
CA ASP C 124 -14.01 18.92 -6.65
C ASP C 124 -12.73 18.31 -7.20
N LEU C 125 -12.36 18.66 -8.43
CA LEU C 125 -11.13 18.15 -9.02
C LEU C 125 -9.94 18.99 -8.57
N PRO C 126 -8.73 18.42 -8.57
CA PRO C 126 -7.57 19.14 -8.04
C PRO C 126 -7.17 20.33 -8.89
N ILE C 127 -6.49 21.28 -8.24
CA ILE C 127 -5.98 22.48 -8.88
C ILE C 127 -4.47 22.49 -8.72
N ILE C 128 -3.75 22.44 -9.82
CA ILE C 128 -2.30 22.29 -9.82
C ILE C 128 -1.69 23.48 -10.57
N PRO C 129 -1.26 24.51 -9.85
CA PRO C 129 -0.57 25.63 -10.51
C PRO C 129 0.83 25.22 -10.97
N VAL C 130 1.18 25.65 -12.18
CA VAL C 130 2.46 25.27 -12.77
C VAL C 130 3.14 26.45 -13.45
N ILE C 131 2.55 27.65 -13.34
CA ILE C 131 3.06 28.84 -14.02
C ILE C 131 3.17 29.95 -13.00
N SER C 132 4.41 30.33 -12.66
CA SER C 132 4.68 31.41 -11.72
C SER C 132 4.76 32.73 -12.49
N SER C 133 3.76 33.59 -12.31
CA SER C 133 3.75 34.88 -12.99
C SER C 133 4.76 35.83 -12.34
N ALA C 134 5.51 36.54 -13.18
CA ALA C 134 6.60 37.39 -12.74
C ALA C 134 6.16 38.85 -12.67
N ARG C 135 7.07 39.70 -12.19
CA ARG C 135 6.82 41.12 -12.04
C ARG C 135 6.66 41.80 -13.40
N LEU C 136 6.01 42.97 -13.40
CA LEU C 136 5.66 43.62 -14.65
C LEU C 136 6.85 44.26 -15.36
N GLY C 137 7.99 44.41 -14.70
CA GLY C 137 9.12 45.06 -15.34
C GLY C 137 9.77 44.21 -16.42
N ILE C 138 9.75 42.89 -16.25
CA ILE C 138 10.51 42.00 -17.13
C ILE C 138 9.69 40.74 -17.40
N GLU C 139 8.37 40.84 -17.25
CA GLU C 139 7.51 39.67 -17.42
C GLU C 139 7.54 39.13 -18.84
N GLU C 140 7.76 39.99 -19.84
CA GLU C 140 7.47 39.60 -21.21
C GLU C 140 8.65 39.81 -22.15
N TYR C 141 9.55 40.74 -21.82
CA TYR C 141 10.57 41.17 -22.77
C TYR C 141 11.69 40.15 -22.89
N THR C 142 12.14 39.58 -21.77
CA THR C 142 13.22 38.61 -21.80
C THR C 142 12.81 37.34 -21.05
N ASN C 143 12.45 37.48 -19.78
CA ASN C 143 12.12 36.33 -18.94
C ASN C 143 10.59 36.27 -18.82
N ASN C 144 9.98 35.28 -19.47
CA ASN C 144 8.55 35.06 -19.32
C ASN C 144 8.29 34.34 -17.99
N SER C 145 7.04 33.97 -17.76
CA SER C 145 6.66 33.29 -16.52
C SER C 145 7.47 32.01 -16.32
N ILE C 146 8.01 31.85 -15.12
CA ILE C 146 8.82 30.67 -14.79
C ILE C 146 7.89 29.50 -14.49
N MET C 147 8.26 28.33 -15.01
CA MET C 147 7.48 27.12 -14.76
C MET C 147 7.90 26.48 -13.45
N PHE C 148 6.97 25.73 -12.86
CA PHE C 148 7.24 24.95 -11.65
C PHE C 148 6.20 23.84 -11.57
N ASN C 149 6.43 22.91 -10.65
CA ASN C 149 5.58 21.73 -10.48
C ASN C 149 5.46 20.94 -11.78
N SER C 150 6.53 20.92 -12.58
CA SER C 150 6.48 20.30 -13.90
C SER C 150 7.73 19.46 -14.16
N GLU C 151 8.32 18.89 -13.10
CA GLU C 151 9.46 17.98 -13.20
C GLU C 151 10.53 18.71 -14.01
N PHE C 152 11.06 18.12 -15.08
CA PHE C 152 12.17 18.72 -15.83
C PHE C 152 11.93 20.13 -16.33
N LEU C 153 10.68 20.57 -16.47
CA LEU C 153 10.39 21.91 -16.96
C LEU C 153 10.60 22.99 -15.91
N ASN C 154 10.80 22.62 -14.64
CA ASN C 154 10.97 23.61 -13.58
C ASN C 154 12.18 24.49 -13.85
N GLY C 155 12.00 25.79 -13.60
CA GLY C 155 13.05 26.77 -13.82
C GLY C 155 13.03 27.42 -15.18
N LEU C 156 12.41 26.79 -16.17
CA LEU C 156 12.38 27.32 -17.52
C LEU C 156 11.22 28.28 -17.71
N THR C 157 11.37 29.16 -18.70
CA THR C 157 10.28 30.04 -19.09
C THR C 157 9.26 29.29 -19.94
N VAL C 158 8.13 29.94 -20.19
CA VAL C 158 7.02 29.29 -20.90
C VAL C 158 7.44 28.94 -22.32
N SER C 159 8.09 29.88 -23.01
CA SER C 159 8.48 29.65 -24.40
C SER C 159 9.47 28.51 -24.51
N GLU C 160 10.45 28.45 -23.60
CA GLU C 160 11.37 27.32 -23.55
C GLU C 160 10.64 26.04 -23.17
N ALA C 161 9.75 26.11 -22.18
CA ALA C 161 9.04 24.93 -21.73
C ALA C 161 8.10 24.38 -22.80
N ARG C 162 7.57 25.26 -23.66
CA ARG C 162 6.72 24.79 -24.74
C ARG C 162 7.52 24.03 -25.78
N LYS C 163 8.79 24.38 -25.98
CA LYS C 163 9.66 23.61 -26.85
C LYS C 163 10.01 22.27 -26.23
N VAL C 164 10.50 22.29 -24.99
CA VAL C 164 11.01 21.08 -24.36
C VAL C 164 9.92 20.01 -24.26
N ILE C 165 8.71 20.43 -23.89
CA ILE C 165 7.63 19.45 -23.73
C ILE C 165 7.23 18.85 -25.07
N VAL C 166 7.31 19.63 -26.16
CA VAL C 166 7.02 19.09 -27.48
C VAL C 166 8.13 18.14 -27.90
N GLU C 167 9.38 18.48 -27.57
CA GLU C 167 10.50 17.56 -27.82
C GLU C 167 10.30 16.26 -27.08
N LYS C 168 9.94 16.35 -25.79
CA LYS C 168 9.70 15.15 -24.99
C LYS C 168 8.54 14.33 -25.54
N LEU C 169 7.48 15.02 -25.99
CA LEU C 169 6.32 14.31 -26.52
C LEU C 169 6.64 13.56 -27.80
N GLU C 170 7.44 14.17 -28.68
CA GLU C 170 7.76 13.52 -29.96
C GLU C 170 8.76 12.39 -29.78
N GLU C 171 9.69 12.53 -28.83
CA GLU C 171 10.69 11.50 -28.61
C GLU C 171 10.05 10.19 -28.14
N LYS C 172 8.99 10.29 -27.35
CA LYS C 172 8.32 9.12 -26.80
C LYS C 172 7.18 8.61 -27.67
N GLY C 173 6.88 9.30 -28.77
CA GLY C 173 5.78 8.86 -29.63
C GLY C 173 4.41 9.03 -29.03
N ILE C 174 4.22 10.04 -28.18
CA ILE C 174 2.93 10.30 -27.57
C ILE C 174 2.28 11.58 -28.09
N GLY C 175 3.03 12.47 -28.72
CA GLY C 175 2.47 13.71 -29.22
C GLY C 175 2.98 14.00 -30.63
N LYS C 176 2.19 14.78 -31.35
CA LYS C 176 2.51 15.13 -32.73
C LYS C 176 2.10 16.56 -33.02
N LYS C 177 2.99 17.30 -33.69
CA LYS C 177 2.74 18.69 -34.01
C LYS C 177 1.59 18.83 -35.02
N THR C 178 1.01 20.02 -35.07
CA THR C 178 -0.05 20.31 -36.02
C THR C 178 0.17 21.66 -36.70
N GLY D 8 -2.97 -14.61 34.10
CA GLY D 8 -2.41 -14.79 32.77
C GLY D 8 -2.12 -16.23 32.42
N VAL D 9 -1.15 -16.45 31.52
CA VAL D 9 -0.80 -17.78 31.07
C VAL D 9 0.57 -17.71 30.42
N THR D 10 1.34 -18.79 30.55
CA THR D 10 2.66 -18.90 29.94
C THR D 10 2.61 -19.89 28.79
N ILE D 11 3.31 -19.57 27.70
CA ILE D 11 3.34 -20.41 26.50
C ILE D 11 4.79 -20.70 26.14
N GLU D 12 5.04 -21.92 25.67
CA GLU D 12 6.38 -22.40 25.35
C GLU D 12 6.55 -22.44 23.83
N PHE D 13 7.46 -21.62 23.32
CA PHE D 13 7.72 -21.55 21.88
C PHE D 13 8.97 -22.36 21.53
N LYS D 14 8.82 -23.30 20.61
CA LYS D 14 9.96 -24.05 20.11
C LYS D 14 10.82 -23.17 19.22
N ILE D 15 12.10 -23.06 19.57
CA ILE D 15 13.06 -22.32 18.75
C ILE D 15 13.42 -23.18 17.54
N VAL D 16 13.39 -22.57 16.36
CA VAL D 16 13.64 -23.30 15.13
C VAL D 16 15.11 -23.71 15.08
N GLY D 17 15.37 -24.99 14.80
CA GLY D 17 16.72 -25.48 14.68
C GLY D 17 17.26 -26.19 15.91
N LEU D 18 16.90 -25.71 17.08
CA LEU D 18 17.42 -26.23 18.34
C LEU D 18 16.35 -26.98 19.11
N ASN D 19 16.78 -27.62 20.20
CA ASN D 19 15.87 -28.33 21.10
C ASN D 19 15.31 -27.42 22.20
N LYS D 20 15.81 -26.19 22.31
CA LYS D 20 15.41 -25.30 23.38
C LYS D 20 14.01 -24.75 23.13
N LYS D 21 13.38 -24.27 24.20
CA LYS D 21 12.04 -23.70 24.13
C LYS D 21 12.03 -22.40 24.91
N LEU D 22 11.35 -21.39 24.36
CA LEU D 22 11.26 -20.08 24.99
C LEU D 22 9.89 -19.94 25.63
N LYS D 23 9.85 -19.52 26.89
CA LYS D 23 8.61 -19.33 27.62
C LYS D 23 8.29 -17.85 27.69
N VAL D 24 7.14 -17.46 27.15
CA VAL D 24 6.68 -16.09 27.18
C VAL D 24 5.40 -16.03 28.00
N PHE D 25 5.19 -14.90 28.67
CA PHE D 25 3.97 -14.64 29.41
C PHE D 25 3.05 -13.76 28.59
N THR D 26 1.74 -14.00 28.70
CA THR D 26 0.77 -13.22 27.97
C THR D 26 -0.52 -13.15 28.76
N THR D 27 -1.12 -11.96 28.79
CA THR D 27 -2.42 -11.78 29.42
C THR D 27 -3.56 -12.16 28.48
N CYS D 28 -3.36 -11.98 27.17
CA CYS D 28 -4.39 -12.27 26.16
C CYS D 28 -3.88 -13.39 25.26
N PRO D 29 -4.09 -14.66 25.63
CA PRO D 29 -3.66 -15.75 24.76
C PRO D 29 -4.53 -15.95 23.52
N HIS D 30 -5.71 -15.34 23.48
CA HIS D 30 -6.57 -15.45 22.31
C HIS D 30 -6.00 -14.70 21.11
N THR D 31 -5.13 -13.71 21.34
CA THR D 31 -4.47 -12.98 20.27
C THR D 31 -3.27 -13.74 19.70
N LEU D 32 -3.08 -15.01 20.09
CA LEU D 32 -1.92 -15.77 19.65
C LEU D 32 -1.88 -15.89 18.12
N PHE D 33 -3.03 -16.03 17.49
CA PHE D 33 -3.05 -16.20 16.03
C PHE D 33 -2.62 -14.93 15.32
N GLY D 34 -2.81 -13.77 15.94
CA GLY D 34 -2.36 -12.52 15.36
C GLY D 34 -0.96 -12.14 15.77
N ALA D 35 -0.16 -13.13 16.18
CA ALA D 35 1.19 -12.86 16.63
C ALA D 35 2.09 -12.59 15.43
N SER D 36 2.85 -11.50 15.52
CA SER D 36 3.78 -11.11 14.46
C SER D 36 5.23 -11.40 14.78
N PHE D 37 5.60 -11.41 16.06
CA PHE D 37 7.00 -11.54 16.45
C PHE D 37 7.06 -12.04 17.89
N CYS D 38 8.29 -12.26 18.36
CA CYS D 38 8.58 -12.51 19.76
C CYS D 38 9.76 -11.65 20.17
N ALA D 39 9.77 -11.22 21.43
CA ALA D 39 10.79 -10.32 21.92
C ALA D 39 11.16 -10.67 23.36
N VAL D 40 12.44 -10.57 23.67
CA VAL D 40 12.95 -10.79 25.01
C VAL D 40 13.77 -9.56 25.41
N ALA D 41 13.98 -9.42 26.72
CA ALA D 41 14.77 -8.32 27.23
C ALA D 41 16.25 -8.69 27.26
N ILE D 42 17.08 -7.74 27.68
CA ILE D 42 18.53 -7.91 27.59
C ILE D 42 19.01 -8.97 28.57
N GLU D 43 18.42 -9.02 29.76
CA GLU D 43 18.90 -9.88 30.83
C GLU D 43 18.27 -11.27 30.80
N HIS D 44 17.78 -11.71 29.64
CA HIS D 44 17.25 -13.06 29.55
C HIS D 44 18.39 -14.07 29.42
N PRO D 45 18.25 -15.26 30.02
CA PRO D 45 19.31 -16.27 29.88
C PRO D 45 19.68 -16.59 28.45
N ILE D 46 18.71 -16.60 27.54
CA ILE D 46 18.96 -16.95 26.15
C ILE D 46 19.93 -15.96 25.51
N VAL D 47 19.94 -14.71 25.99
CA VAL D 47 20.81 -13.70 25.40
C VAL D 47 22.28 -14.08 25.61
N GLN D 48 22.63 -14.47 26.83
CA GLN D 48 23.99 -14.89 27.12
C GLN D 48 24.26 -16.35 26.80
N ASP D 49 23.21 -17.15 26.60
CA ASP D 49 23.39 -18.59 26.39
C ASP D 49 23.99 -18.88 25.02
N LEU D 50 23.38 -18.33 23.96
CA LEU D 50 23.76 -18.68 22.59
C LEU D 50 23.89 -17.44 21.72
N MET D 51 24.37 -16.34 22.30
CA MET D 51 24.66 -15.13 21.53
C MET D 51 25.93 -14.47 22.02
N GLN D 56 25.73 -9.88 20.93
CA GLN D 56 25.94 -9.59 22.33
C GLN D 56 26.76 -8.32 22.51
N ASP D 57 27.72 -8.11 21.61
CA ASP D 57 28.53 -6.90 21.66
C ASP D 57 27.73 -5.68 21.24
N LEU D 58 26.88 -5.82 20.23
CA LEU D 58 26.14 -4.68 19.71
C LEU D 58 25.16 -4.13 20.75
N ILE D 59 24.56 -5.01 21.55
CA ILE D 59 23.56 -4.56 22.52
C ILE D 59 24.22 -3.85 23.69
N SER D 60 25.26 -4.46 24.28
CA SER D 60 25.84 -3.94 25.50
C SER D 60 26.75 -2.74 25.25
N SER D 61 27.53 -2.76 24.17
CA SER D 61 28.55 -1.74 23.97
C SER D 61 27.92 -0.37 23.73
N ILE D 62 27.10 -0.25 22.67
CA ILE D 62 26.47 1.02 22.35
C ILE D 62 25.23 1.19 23.21
N LYS D 63 25.17 2.31 23.95
CA LYS D 63 23.97 2.67 24.69
C LYS D 63 22.79 2.73 23.74
N ILE D 64 22.05 1.62 23.63
CA ILE D 64 21.02 1.53 22.61
C ILE D 64 19.95 2.58 22.85
N GLN D 65 19.67 3.36 21.83
CA GLN D 65 18.68 4.43 21.89
C GLN D 65 18.03 4.58 20.51
N GLY D 66 17.13 5.54 20.39
CA GLY D 66 16.27 5.60 19.22
C GLY D 66 16.90 6.36 18.06
N LYS D 67 16.74 5.79 16.87
CA LYS D 67 17.03 6.55 15.65
C LYS D 67 15.82 7.37 15.24
N ASN D 68 14.62 6.83 15.43
CA ASN D 68 13.38 7.56 15.24
C ASN D 68 12.47 7.34 16.46
N ASN D 69 12.14 6.08 16.74
CA ASN D 69 11.41 5.72 17.95
C ASN D 69 12.41 5.44 19.06
N GLU D 70 12.14 6.00 20.25
CA GLU D 70 13.06 5.86 21.38
C GLU D 70 13.37 4.40 21.67
N LYS D 71 12.36 3.54 21.64
CA LYS D 71 12.56 2.12 21.84
C LYS D 71 13.00 1.45 20.54
N VAL D 72 13.98 0.56 20.63
CA VAL D 72 14.53 -0.13 19.47
C VAL D 72 14.77 -1.59 19.82
N GLY D 73 14.58 -2.46 18.83
CA GLY D 73 14.83 -3.88 19.00
C GLY D 73 15.93 -4.35 18.07
N ILE D 74 16.62 -5.41 18.48
CA ILE D 74 17.71 -6.00 17.72
C ILE D 74 17.34 -7.43 17.39
N TYR D 75 17.41 -7.77 16.10
CA TYR D 75 17.08 -9.13 15.67
C TYR D 75 18.15 -10.11 16.14
N THR D 76 17.70 -11.21 16.76
CA THR D 76 18.64 -12.19 17.30
C THR D 76 19.32 -12.97 16.19
N GLY D 77 18.54 -13.50 15.25
CA GLY D 77 19.07 -14.41 14.25
C GLY D 77 18.26 -15.69 14.22
N LEU D 78 17.61 -16.00 15.34
CA LEU D 78 16.76 -17.18 15.46
C LEU D 78 15.30 -16.80 15.33
N ASN D 79 14.52 -17.74 14.79
CA ASN D 79 13.06 -17.61 14.72
C ASN D 79 12.44 -18.70 15.57
N VAL D 80 11.18 -18.49 15.95
CA VAL D 80 10.44 -19.43 16.79
C VAL D 80 9.25 -19.96 16.02
N LYS D 81 8.96 -21.24 16.21
CA LYS D 81 7.85 -21.89 15.52
C LYS D 81 6.53 -21.48 16.16
N HIS D 82 5.56 -21.14 15.33
CA HIS D 82 4.23 -20.84 15.84
C HIS D 82 3.49 -22.13 16.17
N PRO D 83 2.89 -22.24 17.36
CA PRO D 83 2.32 -23.53 17.78
C PRO D 83 1.20 -24.04 16.88
N PHE D 84 0.40 -23.15 16.29
CA PHE D 84 -0.77 -23.56 15.54
C PHE D 84 -0.67 -23.29 14.05
N LEU D 85 0.41 -22.67 13.58
CA LEU D 85 0.54 -22.34 12.16
C LEU D 85 1.97 -22.64 11.70
N ASP D 86 2.09 -23.16 10.49
CA ASP D 86 3.38 -23.42 9.86
C ASP D 86 4.01 -22.10 9.45
N LYS D 87 4.62 -21.42 10.43
CA LYS D 87 5.21 -20.12 10.21
C LYS D 87 6.14 -19.80 11.37
N GLU D 88 7.25 -19.14 11.08
CA GLU D 88 8.28 -18.85 12.06
C GLU D 88 8.25 -17.36 12.41
N LEU D 89 8.14 -17.06 13.70
CA LEU D 89 8.13 -15.68 14.17
C LEU D 89 9.54 -15.24 14.54
N PRO D 90 9.99 -14.09 14.06
CA PRO D 90 11.36 -13.64 14.37
C PRO D 90 11.49 -13.22 15.83
N LEU D 91 12.62 -13.60 16.44
CA LEU D 91 12.92 -13.26 17.82
C LEU D 91 13.80 -12.02 17.88
N TYR D 92 13.49 -11.13 18.82
CA TYR D 92 14.17 -9.84 18.93
C TYR D 92 14.69 -9.65 20.35
N VAL D 93 15.57 -8.65 20.50
CA VAL D 93 16.07 -8.21 21.79
C VAL D 93 15.67 -6.74 21.92
N ALA D 94 14.64 -6.46 22.71
CA ALA D 94 14.08 -5.13 22.84
C ALA D 94 14.44 -4.52 24.19
N ASN D 95 14.55 -3.19 24.20
CA ASN D 95 14.77 -2.44 25.43
C ASN D 95 13.47 -2.04 26.12
N PHE D 96 12.35 -1.97 25.38
CA PHE D 96 11.08 -1.60 25.99
C PHE D 96 10.47 -2.74 26.79
N VAL D 97 10.76 -3.99 26.41
CA VAL D 97 10.28 -5.13 27.18
C VAL D 97 11.17 -5.28 28.42
N LEU D 98 10.56 -5.75 29.51
CA LEU D 98 11.13 -5.62 30.84
C LEU D 98 11.23 -6.99 31.50
N MET D 99 12.44 -7.35 31.92
CA MET D 99 12.68 -8.68 32.51
C MET D 99 11.95 -8.84 33.83
N GLU D 100 12.07 -7.85 34.73
CA GLU D 100 11.55 -7.96 36.09
C GLU D 100 10.10 -8.42 36.10
N TYR D 101 9.29 -7.92 35.16
CA TYR D 101 7.88 -8.33 35.07
C TYR D 101 7.81 -9.73 34.49
N ARG D 102 7.36 -10.68 35.31
CA ARG D 102 7.07 -12.05 34.91
C ARG D 102 8.22 -12.71 34.15
N GLU D 103 7.90 -13.43 33.07
CA GLU D 103 8.91 -14.15 32.32
C GLU D 103 9.90 -13.20 31.66
N GLY D 104 9.47 -11.98 31.33
CA GLY D 104 10.32 -11.06 30.58
C GLY D 104 10.36 -11.31 29.09
N ALA D 105 9.40 -12.05 28.55
CA ALA D 105 9.32 -12.34 27.13
C ALA D 105 7.86 -12.34 26.70
N ILE D 106 7.59 -11.76 25.53
CA ILE D 106 6.23 -11.60 25.03
C ILE D 106 6.20 -11.83 23.52
N PHE D 107 5.02 -12.19 23.03
CA PHE D 107 4.73 -12.18 21.61
C PHE D 107 3.88 -10.96 21.29
N GLY D 108 4.15 -10.35 20.14
CA GLY D 108 3.53 -9.09 19.77
C GLY D 108 2.31 -9.29 18.88
N CYS D 109 1.26 -8.51 19.16
CA CYS D 109 0.04 -8.48 18.37
C CYS D 109 -0.15 -7.04 17.89
N PRO D 110 0.45 -6.67 16.75
CA PRO D 110 0.44 -5.25 16.35
C PRO D 110 -0.93 -4.71 16.03
N ALA D 111 -1.87 -5.55 15.58
CA ALA D 111 -3.18 -5.05 15.17
C ALA D 111 -4.01 -4.56 16.35
N HIS D 112 -3.71 -4.99 17.57
CA HIS D 112 -4.49 -4.62 18.74
C HIS D 112 -3.58 -4.19 19.89
N ASP D 113 -2.53 -3.46 19.58
CA ASP D 113 -1.63 -2.93 20.60
C ASP D 113 -0.82 -1.80 20.01
N GLN D 114 -0.74 -0.68 20.74
CA GLN D 114 -0.01 0.48 20.24
C GLN D 114 1.50 0.24 20.24
N ARG D 115 2.02 -0.37 21.31
CA ARG D 115 3.45 -0.66 21.38
C ARG D 115 3.87 -1.64 20.29
N ASP D 116 3.07 -2.70 20.09
CA ASP D 116 3.44 -3.72 19.12
C ASP D 116 3.37 -3.19 17.69
N PHE D 117 2.41 -2.31 17.41
CA PHE D 117 2.34 -1.72 16.07
C PHE D 117 3.55 -0.83 15.79
N GLU D 118 3.81 0.12 16.69
CA GLU D 118 4.95 1.02 16.50
C GLU D 118 6.25 0.26 16.32
N PHE D 119 6.36 -0.93 16.95
CA PHE D 119 7.49 -1.81 16.68
C PHE D 119 7.38 -2.43 15.29
N ALA D 120 6.20 -2.96 14.95
CA ALA D 120 6.01 -3.62 13.66
C ALA D 120 6.20 -2.65 12.50
N GLN D 121 5.72 -1.41 12.64
CA GLN D 121 5.88 -0.44 11.57
C GLN D 121 7.34 -0.04 11.38
N GLU D 122 8.08 0.04 12.48
CA GLU D 122 9.51 0.38 12.38
C GLU D 122 10.28 -0.69 11.63
N TYR D 123 10.08 -1.96 12.00
CA TYR D 123 10.84 -3.07 11.45
C TYR D 123 10.07 -3.85 10.39
N ASP D 124 8.98 -3.28 9.87
CA ASP D 124 8.26 -3.84 8.72
C ASP D 124 7.70 -5.24 9.00
N LEU D 125 7.29 -5.50 10.25
CA LEU D 125 6.73 -6.79 10.59
C LEU D 125 5.24 -6.84 10.23
N PRO D 126 4.70 -8.02 9.98
CA PRO D 126 3.30 -8.12 9.53
C PRO D 126 2.31 -7.72 10.61
N ILE D 127 1.12 -7.33 10.14
CA ILE D 127 0.02 -6.92 11.01
C ILE D 127 -1.15 -7.85 10.72
N ILE D 128 -1.57 -8.61 11.73
CA ILE D 128 -2.59 -9.64 11.56
C ILE D 128 -3.76 -9.37 12.49
N PRO D 129 -4.82 -8.71 12.03
CA PRO D 129 -6.00 -8.50 12.89
C PRO D 129 -6.77 -9.80 13.10
N VAL D 130 -7.20 -10.02 14.35
CA VAL D 130 -7.90 -11.25 14.71
C VAL D 130 -9.11 -10.98 15.58
N ILE D 131 -9.41 -9.71 15.84
CA ILE D 131 -10.50 -9.33 16.73
C ILE D 131 -11.40 -8.33 16.03
N SER D 132 -12.62 -8.75 15.70
CA SER D 132 -13.61 -7.90 15.05
C SER D 132 -14.43 -7.19 16.12
N SER D 133 -14.22 -5.88 16.27
CA SER D 133 -14.95 -5.11 17.25
C SER D 133 -16.39 -4.88 16.81
N ALA D 134 -17.32 -5.00 17.75
CA ALA D 134 -18.74 -4.94 17.47
C ALA D 134 -19.31 -3.56 17.75
N ARG D 135 -20.59 -3.38 17.40
CA ARG D 135 -21.27 -2.10 17.55
C ARG D 135 -21.46 -1.75 19.03
N LEU D 136 -22.08 -0.59 19.26
CA LEU D 136 -22.22 -0.07 20.61
C LEU D 136 -23.29 -0.81 21.40
N GLY D 137 -24.28 -1.39 20.72
CA GLY D 137 -25.43 -1.94 21.40
C GLY D 137 -25.17 -3.24 22.13
N ILE D 138 -24.26 -4.07 21.64
CA ILE D 138 -24.11 -5.42 22.18
C ILE D 138 -22.64 -5.81 22.29
N GLU D 139 -21.75 -4.83 22.31
CA GLU D 139 -20.32 -5.14 22.45
C GLU D 139 -20.03 -5.78 23.81
N GLU D 140 -20.77 -5.37 24.84
CA GLU D 140 -20.58 -5.83 26.21
C GLU D 140 -21.70 -6.71 26.72
N TYR D 141 -22.95 -6.38 26.37
CA TYR D 141 -24.10 -6.92 27.08
C TYR D 141 -24.14 -8.44 27.06
N THR D 142 -23.87 -9.04 25.90
CA THR D 142 -23.91 -10.50 25.82
C THR D 142 -22.67 -11.07 25.15
N ASN D 143 -22.46 -10.71 23.88
CA ASN D 143 -21.39 -11.24 23.06
C ASN D 143 -20.30 -10.19 22.87
N ASN D 144 -19.10 -10.49 23.35
CA ASN D 144 -17.97 -9.60 23.14
C ASN D 144 -17.53 -9.66 21.68
N SER D 145 -16.41 -9.00 21.36
CA SER D 145 -15.92 -8.94 19.99
C SER D 145 -15.70 -10.34 19.41
N ILE D 146 -16.17 -10.53 18.18
CA ILE D 146 -16.06 -11.83 17.51
C ILE D 146 -14.64 -12.00 16.99
N MET D 147 -14.10 -13.20 17.17
CA MET D 147 -12.77 -13.53 16.69
C MET D 147 -12.83 -13.97 15.23
N PHE D 148 -11.71 -13.78 14.53
CA PHE D 148 -11.59 -14.24 13.15
C PHE D 148 -10.11 -14.35 12.81
N ASN D 149 -9.83 -14.96 11.67
CA ASN D 149 -8.45 -15.21 11.22
C ASN D 149 -7.65 -16.00 12.25
N SER D 150 -8.32 -16.91 12.97
CA SER D 150 -7.69 -17.63 14.07
C SER D 150 -8.05 -19.11 14.03
N GLU D 151 -8.27 -19.66 12.84
CA GLU D 151 -8.54 -21.08 12.62
C GLU D 151 -9.74 -21.45 13.51
N PHE D 152 -9.64 -22.47 14.35
CA PHE D 152 -10.80 -22.93 15.12
C PHE D 152 -11.48 -21.88 15.99
N LEU D 153 -10.79 -20.80 16.34
CA LEU D 153 -11.40 -19.77 17.17
C LEU D 153 -12.35 -18.86 16.40
N ASN D 154 -12.38 -18.95 15.08
CA ASN D 154 -13.25 -18.09 14.28
C ASN D 154 -14.72 -18.28 14.68
N GLY D 155 -15.44 -17.16 14.77
CA GLY D 155 -16.83 -17.18 15.14
C GLY D 155 -17.09 -17.00 16.63
N LEU D 156 -16.11 -17.28 17.47
CA LEU D 156 -16.28 -17.20 18.92
C LEU D 156 -16.02 -15.79 19.42
N THR D 157 -16.61 -15.48 20.58
CA THR D 157 -16.33 -14.24 21.27
C THR D 157 -15.00 -14.33 22.01
N VAL D 158 -14.54 -13.19 22.53
CA VAL D 158 -13.23 -13.13 23.17
C VAL D 158 -13.17 -14.02 24.40
N SER D 159 -14.21 -13.96 25.24
CA SER D 159 -14.21 -14.75 26.47
C SER D 159 -14.23 -16.24 26.18
N GLU D 160 -15.03 -16.66 25.20
CA GLU D 160 -15.02 -18.06 24.79
C GLU D 160 -13.68 -18.45 24.17
N ALA D 161 -13.13 -17.58 23.31
CA ALA D 161 -11.88 -17.89 22.65
C ALA D 161 -10.72 -17.94 23.64
N ARG D 162 -10.80 -17.17 24.72
CA ARG D 162 -9.73 -17.23 25.72
C ARG D 162 -9.75 -18.54 26.49
N LYS D 163 -10.93 -19.14 26.65
CA LYS D 163 -11.02 -20.47 27.25
C LYS D 163 -10.48 -21.54 26.30
N VAL D 164 -10.98 -21.54 25.06
CA VAL D 164 -10.64 -22.60 24.11
C VAL D 164 -9.15 -22.65 23.84
N ILE D 165 -8.51 -21.48 23.68
CA ILE D 165 -7.09 -21.45 23.37
C ILE D 165 -6.27 -21.96 24.54
N VAL D 166 -6.73 -21.72 25.77
CA VAL D 166 -6.03 -22.27 26.93
C VAL D 166 -6.20 -23.79 27.00
N GLU D 167 -7.39 -24.27 26.63
CA GLU D 167 -7.62 -25.71 26.56
C GLU D 167 -6.68 -26.36 25.56
N LYS D 168 -6.54 -25.77 24.37
CA LYS D 168 -5.63 -26.31 23.37
C LYS D 168 -4.18 -26.27 23.86
N LEU D 169 -3.81 -25.19 24.56
CA LEU D 169 -2.44 -25.06 25.04
C LEU D 169 -2.12 -26.12 26.09
N GLU D 170 -3.05 -26.40 26.99
CA GLU D 170 -2.80 -27.38 28.04
C GLU D 170 -2.90 -28.81 27.51
N GLU D 171 -3.82 -29.06 26.57
CA GLU D 171 -3.98 -30.39 26.01
C GLU D 171 -2.72 -30.82 25.26
N LYS D 172 -2.08 -29.90 24.57
CA LYS D 172 -0.89 -30.19 23.78
C LYS D 172 0.41 -30.03 24.57
N GLY D 173 0.32 -29.64 25.83
CA GLY D 173 1.52 -29.44 26.64
C GLY D 173 2.35 -28.26 26.24
N ILE D 174 1.72 -27.19 25.76
CA ILE D 174 2.43 -25.97 25.37
C ILE D 174 2.19 -24.81 26.32
N GLY D 175 1.09 -24.81 27.07
CA GLY D 175 0.81 -23.71 27.98
C GLY D 175 0.24 -24.21 29.29
N LYS D 176 0.42 -23.39 30.33
CA LYS D 176 -0.08 -23.70 31.66
C LYS D 176 -0.50 -22.40 32.32
N LYS D 177 -1.62 -22.45 33.04
CA LYS D 177 -2.16 -21.26 33.69
C LYS D 177 -1.20 -20.73 34.75
N THR D 178 -1.36 -19.45 35.08
CA THR D 178 -0.56 -18.82 36.12
C THR D 178 -1.43 -17.97 37.04
#